data_2WPB
#
_entry.id   2WPB
#
_cell.length_a   57.020
_cell.length_b   143.741
_cell.length_c   84.304
_cell.angle_alpha   90.00
_cell.angle_beta   109.90
_cell.angle_gamma   90.00
#
_symmetry.space_group_name_H-M   'P 1 21 1'
#
loop_
_entity.id
_entity.type
_entity.pdbx_description
1 polymer 'N-ACETYLNEURAMINATE LYASE'
2 non-polymer (2R,3R)-2,3,4-TRIHYDROXY-N,N-DIPROPYLBUTANAMIDE
3 water water
#
_entity_poly.entity_id   1
_entity_poly.type   'polypeptide(L)'
_entity_poly.pdbx_seq_one_letter_code
;MEHHHHHHATNLRGVMAALLTPFDQQQALDKASLRRLVQFNIQQGIDGLYVGGSTGEAFVQSLSEREQVLEIVAEEAKGK
IKLIAHVGCVSTAESQQLAASAKRYGFDAVSAVTPFYYPFSFEEHCDHYRAIIDSADGLPMVVYNIPALSGVKLTLDQIN
TLVTLPGVGAL(KPI)QTSGDLYQMEQIRREHPDLVLYNGYDNIFASGLLAGADGGIGSTYNIMGWRYQGIVKALKEGDI
QTAQKLQTECNKVIDLLIKTGVFRGLKTVLHYMDVVSVPLCRKPFGPVDEKYLPELKALAQQLMQERG
;
_entity_poly.pdbx_strand_id   A,B,C,D
#
loop_
_chem_comp.id
_chem_comp.type
_chem_comp.name
_chem_comp.formula
ZZI non-polymer (2R,3R)-2,3,4-TRIHYDROXY-N,N-DIPROPYLBUTANAMIDE 'C10 H21 N O4'
#
# COMPACT_ATOMS: atom_id res chain seq x y z
N HIS A 3 14.31 -23.66 -22.66
CA HIS A 3 14.33 -22.30 -23.26
C HIS A 3 15.75 -21.88 -23.62
N HIS A 4 16.02 -21.71 -24.91
CA HIS A 4 17.40 -21.65 -25.43
C HIS A 4 18.20 -20.41 -24.99
N HIS A 5 17.55 -19.25 -24.92
CA HIS A 5 18.21 -18.06 -24.40
C HIS A 5 18.65 -18.22 -22.93
N HIS A 6 17.94 -19.04 -22.15
CA HIS A 6 18.34 -19.32 -20.75
C HIS A 6 19.62 -20.16 -20.72
N HIS A 7 19.67 -21.22 -21.54
CA HIS A 7 20.90 -22.04 -21.70
C HIS A 7 22.12 -21.18 -22.07
N HIS A 8 21.95 -20.28 -23.03
CA HIS A 8 23.08 -19.49 -23.55
C HIS A 8 23.67 -18.53 -22.48
N ALA A 9 22.83 -18.12 -21.53
CA ALA A 9 23.25 -17.18 -20.46
C ALA A 9 23.77 -17.89 -19.19
N THR A 10 23.90 -19.24 -19.27
CA THR A 10 24.39 -20.05 -18.16
C THR A 10 25.67 -19.50 -17.54
N ASN A 11 26.56 -18.96 -18.38
CA ASN A 11 27.82 -18.38 -17.92
C ASN A 11 27.65 -17.12 -17.05
N LEU A 12 26.44 -16.57 -16.96
CA LEU A 12 26.20 -15.37 -16.14
C LEU A 12 25.83 -15.65 -14.68
N ARG A 13 25.66 -16.93 -14.34
CA ARG A 13 25.35 -17.35 -12.98
C ARG A 13 26.49 -16.95 -12.04
N GLY A 14 26.16 -16.42 -10.87
CA GLY A 14 27.19 -16.00 -9.93
C GLY A 14 26.81 -14.89 -8.96
N VAL A 15 27.83 -14.45 -8.24
CA VAL A 15 27.72 -13.46 -7.18
C VAL A 15 28.41 -12.22 -7.74
N MET A 16 27.62 -11.19 -8.03
CA MET A 16 28.08 -10.00 -8.73
C MET A 16 27.84 -8.75 -7.89
N ALA A 17 28.89 -7.96 -7.66
CA ALA A 17 28.75 -6.72 -6.87
C ALA A 17 28.10 -5.61 -7.71
N ALA A 18 27.13 -4.94 -7.12
CA ALA A 18 26.51 -3.77 -7.73
C ALA A 18 27.45 -2.60 -7.47
N LEU A 19 28.17 -2.18 -8.49
CA LEU A 19 29.28 -1.24 -8.30
C LEU A 19 28.79 0.15 -7.93
N LEU A 20 29.36 0.69 -6.85
CA LEU A 20 29.15 2.10 -6.50
C LEU A 20 29.93 2.98 -7.47
N THR A 21 29.50 4.23 -7.63
CA THR A 21 30.22 5.23 -8.44
C THR A 21 30.85 6.32 -7.54
N PRO A 22 32.20 6.30 -7.38
CA PRO A 22 32.88 7.31 -6.55
C PRO A 22 32.86 8.72 -7.14
N PHE A 23 32.68 9.73 -6.28
CA PHE A 23 32.74 11.11 -6.72
C PHE A 23 33.82 11.89 -5.98
N ASP A 24 34.31 12.95 -6.62
CA ASP A 24 35.27 13.88 -5.99
C ASP A 24 34.53 14.96 -5.20
N GLN A 25 35.27 15.94 -4.68
CA GLN A 25 34.69 16.98 -3.82
C GLN A 25 33.67 17.85 -4.53
N GLN A 26 33.76 17.92 -5.85
CA GLN A 26 32.82 18.70 -6.65
C GLN A 26 31.70 17.83 -7.25
N GLN A 27 31.61 16.58 -6.81
CA GLN A 27 30.56 15.63 -7.23
C GLN A 27 30.71 15.17 -8.69
N ALA A 28 31.91 15.30 -9.25
CA ALA A 28 32.20 14.76 -10.57
C ALA A 28 32.74 13.36 -10.38
N LEU A 29 32.73 12.56 -11.43
CA LEU A 29 33.27 11.20 -11.37
C LEU A 29 34.71 11.19 -10.89
N ASP A 30 34.99 10.42 -9.85
CA ASP A 30 36.36 10.19 -9.42
C ASP A 30 36.90 8.91 -10.07
N LYS A 31 37.66 9.10 -11.15
CA LYS A 31 38.14 8.00 -12.01
C LYS A 31 39.16 7.12 -11.34
N ALA A 32 40.07 7.70 -10.56
CA ALA A 32 41.09 6.93 -9.85
C ALA A 32 40.45 5.96 -8.86
N SER A 33 39.50 6.48 -8.08
CA SER A 33 38.77 5.66 -7.10
C SER A 33 37.93 4.53 -7.74
N LEU A 34 37.35 4.79 -8.90
CA LEU A 34 36.57 3.77 -9.62
C LEU A 34 37.48 2.62 -10.05
N ARG A 35 38.67 2.94 -10.56
CA ARG A 35 39.61 1.90 -10.98
C ARG A 35 40.00 1.06 -9.76
N ARG A 36 40.27 1.73 -8.64
CA ARG A 36 40.58 1.06 -7.39
C ARG A 36 39.43 0.18 -6.90
N LEU A 37 38.22 0.72 -6.90
CA LEU A 37 37.06 -0.04 -6.46
C LEU A 37 36.90 -1.30 -7.29
N VAL A 38 37.06 -1.16 -8.60
CA VAL A 38 36.92 -2.30 -9.50
C VAL A 38 37.94 -3.38 -9.20
N GLN A 39 39.22 -2.98 -9.07
CA GLN A 39 40.29 -3.97 -8.79
C GLN A 39 40.08 -4.61 -7.43
N PHE A 40 39.62 -3.79 -6.49
CA PHE A 40 39.31 -4.26 -5.14
C PHE A 40 38.21 -5.35 -5.12
N ASN A 41 37.20 -5.20 -5.98
CA ASN A 41 36.16 -6.24 -6.13
C ASN A 41 36.73 -7.53 -6.72
N ILE A 42 37.56 -7.38 -7.75
CA ILE A 42 38.23 -8.55 -8.38
C ILE A 42 39.03 -9.40 -7.36
N GLN A 43 39.75 -8.75 -6.44
CA GLN A 43 40.61 -9.45 -5.46
C GLN A 43 39.81 -10.13 -4.35
N GLN A 44 38.61 -9.65 -4.07
CA GLN A 44 37.68 -10.37 -3.20
C GLN A 44 37.22 -11.72 -3.78
N GLY A 45 37.41 -11.96 -5.07
CA GLY A 45 36.97 -13.21 -5.69
C GLY A 45 35.54 -13.16 -6.20
N ILE A 46 35.06 -11.94 -6.48
CA ILE A 46 33.70 -11.70 -6.95
C ILE A 46 33.60 -12.23 -8.37
N ASP A 47 32.46 -12.82 -8.73
CA ASP A 47 32.29 -13.41 -10.08
C ASP A 47 32.11 -12.35 -11.16
N GLY A 48 31.69 -11.14 -10.77
CA GLY A 48 31.43 -10.08 -11.73
C GLY A 48 30.91 -8.76 -11.17
N LEU A 49 30.71 -7.80 -12.06
CA LEU A 49 30.22 -6.47 -11.68
C LEU A 49 28.98 -6.11 -12.48
N TYR A 50 28.03 -5.49 -11.76
CA TYR A 50 26.79 -4.98 -12.29
C TYR A 50 26.91 -3.46 -12.25
N VAL A 51 27.10 -2.86 -13.42
CA VAL A 51 27.57 -1.48 -13.52
C VAL A 51 26.46 -0.53 -13.95
N GLY A 52 26.38 0.60 -13.26
CA GLY A 52 25.38 1.61 -13.53
C GLY A 52 23.95 1.26 -13.12
N GLY A 53 23.80 0.42 -12.10
CA GLY A 53 22.50 0.14 -11.46
C GLY A 53 22.10 1.20 -10.45
N SER A 54 21.07 0.90 -9.66
CA SER A 54 20.59 1.80 -8.60
C SER A 54 21.74 2.19 -7.67
N THR A 55 22.48 1.17 -7.24
CA THR A 55 23.63 1.31 -6.36
C THR A 55 24.67 2.27 -6.90
N GLY A 56 24.86 2.25 -8.21
CA GLY A 56 25.82 3.13 -8.89
C GLY A 56 25.32 4.56 -9.10
N GLU A 57 24.17 4.89 -8.51
CA GLU A 57 23.61 6.24 -8.57
C GLU A 57 23.35 6.68 -10.00
N ALA A 58 22.98 5.71 -10.84
CA ALA A 58 22.66 5.98 -12.25
C ALA A 58 21.66 7.11 -12.41
N PHE A 59 20.66 7.15 -11.55
CA PHE A 59 19.50 7.99 -11.81
C PHE A 59 19.72 9.46 -11.40
N VAL A 60 20.95 9.76 -10.94
CA VAL A 60 21.43 11.13 -10.79
C VAL A 60 22.65 11.39 -11.69
N GLN A 61 22.82 10.58 -12.73
CA GLN A 61 23.85 10.81 -13.72
C GLN A 61 23.22 11.01 -15.11
N SER A 62 23.94 11.71 -15.98
CA SER A 62 23.59 11.83 -17.40
C SER A 62 24.01 10.58 -18.15
N LEU A 63 23.47 10.40 -19.35
CA LEU A 63 23.87 9.27 -20.19
C LEU A 63 25.39 9.26 -20.44
N SER A 64 25.94 10.44 -20.70
CA SER A 64 27.36 10.58 -20.99
C SER A 64 28.19 10.15 -19.78
N GLU A 65 27.76 10.53 -18.59
CA GLU A 65 28.46 10.08 -17.37
C GLU A 65 28.35 8.56 -17.19
N ARG A 66 27.17 8.00 -17.47
CA ARG A 66 27.02 6.54 -17.36
C ARG A 66 27.93 5.78 -18.34
N GLU A 67 28.00 6.27 -19.58
CA GLU A 67 28.91 5.69 -20.59
C GLU A 67 30.39 5.74 -20.14
N GLN A 68 30.80 6.87 -19.58
CA GLN A 68 32.18 7.01 -19.09
CA GLN A 68 32.18 7.03 -19.07
C GLN A 68 32.53 5.94 -18.07
N VAL A 69 31.61 5.72 -17.11
CA VAL A 69 31.77 4.66 -16.11
C VAL A 69 31.82 3.28 -16.77
N LEU A 70 30.88 2.98 -17.67
CA LEU A 70 30.91 1.72 -18.42
C LEU A 70 32.26 1.50 -19.13
N GLU A 71 32.72 2.52 -19.83
CA GLU A 71 33.97 2.46 -20.57
C GLU A 71 35.12 2.17 -19.64
N ILE A 72 35.22 2.92 -18.55
CA ILE A 72 36.35 2.73 -17.63
C ILE A 72 36.34 1.34 -16.99
N VAL A 73 35.16 0.86 -16.58
CA VAL A 73 35.07 -0.47 -15.98
C VAL A 73 35.48 -1.56 -16.99
N ALA A 74 35.11 -1.40 -18.25
CA ALA A 74 35.52 -2.35 -19.28
C ALA A 74 37.05 -2.35 -19.44
N GLU A 75 37.65 -1.16 -19.46
CA GLU A 75 39.11 -1.04 -19.55
C GLU A 75 39.76 -1.83 -18.42
N GLU A 76 39.16 -1.75 -17.23
CA GLU A 76 39.72 -2.34 -16.02
C GLU A 76 39.50 -3.84 -15.86
N ALA A 77 38.36 -4.33 -16.33
CA ALA A 77 37.92 -5.69 -15.98
C ALA A 77 37.49 -6.57 -17.15
N LYS A 78 37.43 -6.06 -18.38
CA LYS A 78 36.91 -6.88 -19.47
C LYS A 78 37.77 -8.14 -19.56
N GLY A 79 37.10 -9.29 -19.67
CA GLY A 79 37.75 -10.58 -19.84
C GLY A 79 38.23 -11.25 -18.57
N LYS A 80 38.31 -10.48 -17.48
CA LYS A 80 38.78 -10.99 -16.21
C LYS A 80 37.61 -11.45 -15.34
N ILE A 81 36.51 -10.69 -15.37
CA ILE A 81 35.29 -11.09 -14.66
C ILE A 81 34.08 -10.70 -15.50
N LYS A 82 32.91 -11.21 -15.16
CA LYS A 82 31.72 -10.93 -15.97
C LYS A 82 31.30 -9.49 -15.72
N LEU A 83 30.81 -8.86 -16.77
CA LEU A 83 30.42 -7.45 -16.73
C LEU A 83 29.01 -7.30 -17.28
N ILE A 84 28.12 -6.79 -16.42
CA ILE A 84 26.74 -6.53 -16.81
C ILE A 84 26.50 -5.04 -16.74
N ALA A 85 25.94 -4.48 -17.81
CA ALA A 85 25.68 -3.06 -17.92
C ALA A 85 24.22 -2.77 -17.68
N HIS A 86 23.94 -2.09 -16.58
CA HIS A 86 22.59 -1.58 -16.37
C HIS A 86 22.42 -0.34 -17.22
N VAL A 87 21.57 -0.48 -18.25
CA VAL A 87 21.38 0.56 -19.23
C VAL A 87 20.00 1.20 -19.11
N GLY A 88 19.23 0.81 -18.10
CA GLY A 88 17.82 1.20 -18.01
C GLY A 88 17.57 2.65 -17.65
N CYS A 89 16.69 3.28 -18.42
CA CYS A 89 16.16 4.61 -18.12
C CYS A 89 14.64 4.52 -18.23
N VAL A 90 13.93 5.60 -17.94
CA VAL A 90 12.48 5.68 -18.22
C VAL A 90 12.28 5.66 -19.74
N SER A 91 13.14 6.41 -20.44
CA SER A 91 13.10 6.47 -21.89
C SER A 91 13.62 5.20 -22.53
N THR A 92 12.86 4.66 -23.49
CA THR A 92 13.32 3.51 -24.27
C THR A 92 14.56 3.90 -25.06
N ALA A 93 14.50 5.05 -25.73
CA ALA A 93 15.61 5.50 -26.57
C ALA A 93 16.89 5.80 -25.80
N GLU A 94 16.78 6.35 -24.59
CA GLU A 94 17.97 6.54 -23.75
C GLU A 94 18.60 5.20 -23.37
N SER A 95 17.75 4.24 -23.02
CA SER A 95 18.22 2.90 -22.66
C SER A 95 18.90 2.23 -23.86
N GLN A 96 18.35 2.44 -25.06
CA GLN A 96 18.92 1.88 -26.30
C GLN A 96 20.32 2.42 -26.60
N GLN A 97 20.51 3.74 -26.41
CA GLN A 97 21.84 4.34 -26.54
C GLN A 97 22.84 3.65 -25.60
N LEU A 98 22.46 3.48 -24.35
CA LEU A 98 23.36 2.85 -23.39
C LEU A 98 23.61 1.38 -23.74
N ALA A 99 22.58 0.71 -24.25
CA ALA A 99 22.73 -0.69 -24.69
C ALA A 99 23.76 -0.82 -25.83
N ALA A 100 23.66 0.03 -26.85
CA ALA A 100 24.66 0.08 -27.94
C ALA A 100 26.07 0.36 -27.39
N SER A 101 26.20 1.36 -26.53
CA SER A 101 27.52 1.65 -25.93
C SER A 101 28.11 0.46 -25.21
N ALA A 102 27.29 -0.21 -24.40
CA ALA A 102 27.72 -1.39 -23.66
C ALA A 102 28.22 -2.48 -24.61
N LYS A 103 27.56 -2.66 -25.75
CA LYS A 103 28.03 -3.57 -26.78
C LYS A 103 29.41 -3.13 -27.28
N ARG A 104 29.55 -1.85 -27.62
CA ARG A 104 30.83 -1.30 -28.13
C ARG A 104 31.99 -1.52 -27.14
N TYR A 105 31.74 -1.35 -25.84
CA TYR A 105 32.79 -1.50 -24.83
C TYR A 105 33.08 -2.96 -24.43
N GLY A 106 32.35 -3.92 -24.99
CA GLY A 106 32.63 -5.35 -24.76
C GLY A 106 32.02 -5.98 -23.50
N PHE A 107 30.92 -5.41 -23.01
CA PHE A 107 30.23 -5.99 -21.85
C PHE A 107 29.64 -7.38 -22.18
N ASP A 108 29.44 -8.19 -21.15
CA ASP A 108 28.91 -9.55 -21.34
C ASP A 108 27.39 -9.55 -21.42
N ALA A 109 26.75 -8.55 -20.79
CA ALA A 109 25.29 -8.50 -20.71
C ALA A 109 24.80 -7.09 -20.46
N VAL A 110 23.54 -6.82 -20.82
CA VAL A 110 22.83 -5.60 -20.43
C VAL A 110 21.69 -5.95 -19.46
N SER A 111 21.10 -4.91 -18.88
CA SER A 111 20.06 -5.06 -17.90
C SER A 111 19.27 -3.76 -17.92
N ALA A 112 17.97 -3.83 -17.65
CA ALA A 112 17.15 -2.62 -17.49
C ALA A 112 16.06 -2.76 -16.45
N VAL A 113 16.04 -1.82 -15.49
CA VAL A 113 14.98 -1.73 -14.52
C VAL A 113 13.68 -1.47 -15.25
N THR A 114 12.58 -1.98 -14.71
CA THR A 114 11.27 -1.75 -15.31
C THR A 114 11.04 -0.23 -15.33
N PRO A 115 10.69 0.32 -16.49
CA PRO A 115 10.57 1.76 -16.56
C PRO A 115 9.51 2.33 -15.57
N PHE A 116 9.88 3.40 -14.88
CA PHE A 116 9.17 3.88 -13.70
C PHE A 116 8.59 5.30 -13.88
N TYR A 117 8.08 5.85 -12.78
CA TYR A 117 7.38 7.13 -12.69
C TYR A 117 6.02 7.09 -13.39
N TYR A 118 6.02 7.01 -14.71
CA TYR A 118 4.77 6.92 -15.45
C TYR A 118 4.25 5.48 -15.44
N PRO A 119 2.93 5.29 -15.30
CA PRO A 119 2.33 3.97 -15.42
C PRO A 119 2.35 3.50 -16.87
N PHE A 120 3.05 2.40 -17.14
CA PHE A 120 3.08 1.85 -18.48
C PHE A 120 2.33 0.55 -18.41
N SER A 121 1.72 0.15 -19.52
CA SER A 121 1.04 -1.15 -19.55
C SER A 121 2.09 -2.26 -19.61
N PHE A 122 1.66 -3.50 -19.40
CA PHE A 122 2.58 -4.63 -19.46
C PHE A 122 3.12 -4.79 -20.86
N GLU A 123 2.26 -4.63 -21.87
CA GLU A 123 2.72 -4.73 -23.22
C GLU A 123 3.78 -3.66 -23.55
N GLU A 124 3.61 -2.47 -22.99
CA GLU A 124 4.55 -1.37 -23.19
C GLU A 124 5.89 -1.71 -22.52
N HIS A 125 5.82 -2.36 -21.37
CA HIS A 125 7.04 -2.95 -20.76
C HIS A 125 7.72 -3.95 -21.70
N CYS A 126 6.95 -4.85 -22.30
CA CYS A 126 7.55 -5.89 -23.16
C CYS A 126 8.27 -5.27 -24.39
N ASP A 127 7.61 -4.35 -25.08
CA ASP A 127 8.24 -3.63 -26.20
C ASP A 127 9.52 -2.88 -25.79
N HIS A 128 9.52 -2.27 -24.59
CA HIS A 128 10.71 -1.58 -24.02
C HIS A 128 11.89 -2.54 -23.93
N TYR A 129 11.66 -3.69 -23.32
CA TYR A 129 12.72 -4.72 -23.23
C TYR A 129 13.16 -5.22 -24.63
N ARG A 130 12.21 -5.39 -25.56
CA ARG A 130 12.52 -5.86 -26.93
C ARG A 130 13.34 -4.85 -27.73
N ALA A 131 12.96 -3.59 -27.63
CA ALA A 131 13.69 -2.51 -28.28
C ALA A 131 15.11 -2.44 -27.77
N ILE A 132 15.30 -2.60 -26.46
CA ILE A 132 16.65 -2.51 -25.86
C ILE A 132 17.48 -3.77 -26.19
N ILE A 133 16.82 -4.93 -26.23
CA ILE A 133 17.48 -6.18 -26.67
C ILE A 133 18.03 -6.05 -28.11
N ASP A 134 17.27 -5.39 -28.99
CA ASP A 134 17.67 -5.14 -30.38
C ASP A 134 18.95 -4.29 -30.46
N SER A 135 19.02 -3.27 -29.61
CA SER A 135 20.17 -2.37 -29.55
C SER A 135 21.38 -2.99 -28.88
N ALA A 136 21.16 -3.98 -28.01
CA ALA A 136 22.24 -4.71 -27.36
C ALA A 136 23.00 -5.66 -28.32
N ASP A 137 22.36 -6.03 -29.44
CA ASP A 137 23.07 -6.65 -30.58
C ASP A 137 23.81 -7.93 -30.18
N GLY A 138 23.09 -8.87 -29.56
CA GLY A 138 23.64 -10.16 -29.16
C GLY A 138 23.97 -10.30 -27.67
N LEU A 139 24.12 -9.19 -26.95
CA LEU A 139 24.28 -9.26 -25.51
C LEU A 139 22.96 -9.72 -24.86
N PRO A 140 23.01 -10.71 -23.98
CA PRO A 140 21.79 -11.13 -23.29
C PRO A 140 21.27 -10.07 -22.31
N MET A 141 19.95 -10.09 -22.08
CA MET A 141 19.28 -9.12 -21.20
C MET A 141 18.99 -9.72 -19.82
N VAL A 142 19.24 -8.92 -18.78
CA VAL A 142 18.88 -9.23 -17.42
C VAL A 142 17.73 -8.29 -17.03
N VAL A 143 16.53 -8.84 -16.94
CA VAL A 143 15.36 -8.08 -16.53
C VAL A 143 15.54 -7.78 -15.04
N TYR A 144 15.38 -6.52 -14.64
CA TYR A 144 15.68 -6.08 -13.28
C TYR A 144 14.36 -5.69 -12.63
N ASN A 145 13.94 -6.47 -11.65
CA ASN A 145 12.65 -6.28 -10.96
C ASN A 145 12.81 -5.78 -9.49
N ILE A 146 12.33 -4.58 -9.21
CA ILE A 146 12.47 -3.94 -7.88
C ILE A 146 11.21 -3.13 -7.49
N PRO A 147 10.10 -3.85 -7.22
CA PRO A 147 8.79 -3.22 -6.91
C PRO A 147 8.89 -2.09 -5.88
N ALA A 148 9.67 -2.29 -4.82
CA ALA A 148 9.79 -1.29 -3.73
C ALA A 148 10.16 0.10 -4.24
N LEU A 149 11.15 0.20 -5.13
CA LEU A 149 11.58 1.51 -5.67
C LEU A 149 10.93 1.90 -7.00
N SER A 150 10.53 0.92 -7.80
CA SER A 150 9.99 1.19 -9.15
C SER A 150 8.50 1.55 -9.14
N GLY A 151 7.76 1.05 -8.16
CA GLY A 151 6.30 1.16 -8.16
C GLY A 151 5.62 0.24 -9.17
N VAL A 152 6.38 -0.59 -9.87
CA VAL A 152 5.80 -1.48 -10.89
C VAL A 152 5.53 -2.82 -10.25
N LYS A 153 4.26 -3.24 -10.26
CA LYS A 153 3.83 -4.44 -9.54
C LYS A 153 3.36 -5.50 -10.53
N LEU A 154 4.32 -6.27 -11.07
CA LEU A 154 4.08 -7.33 -12.06
C LEU A 154 3.54 -8.61 -11.41
N THR A 155 2.60 -9.28 -12.07
CA THR A 155 2.16 -10.59 -11.60
C THR A 155 3.21 -11.65 -12.01
N LEU A 156 3.06 -12.86 -11.47
CA LEU A 156 3.94 -13.97 -11.81
C LEU A 156 3.84 -14.31 -13.31
N ASP A 157 2.61 -14.37 -13.83
CA ASP A 157 2.41 -14.63 -15.27
C ASP A 157 3.13 -13.58 -16.14
N GLN A 158 3.10 -12.32 -15.71
CA GLN A 158 3.77 -11.26 -16.43
C GLN A 158 5.29 -11.42 -16.34
N ILE A 159 5.79 -11.78 -15.16
CA ILE A 159 7.21 -12.06 -14.99
C ILE A 159 7.65 -13.25 -15.87
N ASN A 160 6.79 -14.27 -15.93
CA ASN A 160 7.04 -15.46 -16.77
C ASN A 160 7.20 -15.08 -18.25
N THR A 161 6.32 -14.19 -18.72
CA THR A 161 6.38 -13.71 -20.08
C THR A 161 7.64 -12.86 -20.30
N LEU A 162 7.98 -11.97 -19.36
CA LEU A 162 9.13 -11.08 -19.54
C LEU A 162 10.43 -11.88 -19.67
N VAL A 163 10.64 -12.81 -18.75
CA VAL A 163 11.88 -13.57 -18.70
C VAL A 163 11.98 -14.61 -19.84
N THR A 164 10.93 -14.80 -20.62
CA THR A 164 11.00 -15.68 -21.80
C THR A 164 10.91 -14.92 -23.14
N LEU A 165 10.96 -13.59 -23.09
CA LEU A 165 11.17 -12.80 -24.29
C LEU A 165 12.50 -13.22 -24.95
N PRO A 166 12.52 -13.26 -26.30
CA PRO A 166 13.78 -13.62 -26.94
C PRO A 166 14.90 -12.62 -26.58
N GLY A 167 16.03 -13.14 -26.12
CA GLY A 167 17.19 -12.35 -25.77
C GLY A 167 17.37 -12.24 -24.26
N VAL A 168 16.34 -12.60 -23.50
CA VAL A 168 16.43 -12.57 -22.06
C VAL A 168 17.07 -13.86 -21.56
N GLY A 169 18.05 -13.71 -20.66
CA GLY A 169 18.72 -14.85 -20.06
C GLY A 169 18.96 -14.73 -18.56
N ALA A 170 18.32 -13.76 -17.90
CA ALA A 170 18.47 -13.66 -16.46
C ALA A 170 17.47 -12.69 -15.84
N LEU A 171 17.13 -12.94 -14.57
CA LEU A 171 16.27 -12.06 -13.75
C LEU A 171 17.04 -11.61 -12.52
N KPI A 172 17.10 -10.30 -12.31
CA KPI A 172 17.51 -9.72 -11.04
CB KPI A 172 18.34 -8.44 -11.21
CG KPI A 172 18.92 -7.91 -9.92
CD KPI A 172 19.50 -6.51 -10.10
CE KPI A 172 20.01 -5.91 -8.80
NZ KPI A 172 20.60 -4.56 -9.00
CX1 KPI A 172 21.14 -3.82 -8.01
C1 KPI A 172 21.56 -4.38 -6.67
CX2 KPI A 172 21.39 -2.34 -8.27
O1 KPI A 172 21.03 -1.90 -9.35
O2 KPI A 172 21.90 -1.62 -7.40
C KPI A 172 16.26 -9.41 -10.25
O KPI A 172 15.51 -8.47 -10.55
N GLN A 173 16.06 -10.25 -9.24
CA GLN A 173 14.86 -10.30 -8.43
C GLN A 173 15.14 -9.61 -7.09
N THR A 174 14.96 -8.30 -7.03
CA THR A 174 15.06 -7.57 -5.77
C THR A 174 13.65 -7.56 -5.19
N SER A 175 13.29 -8.71 -4.63
CA SER A 175 12.05 -8.89 -3.93
C SER A 175 12.29 -9.81 -2.78
N GLY A 176 11.68 -9.47 -1.62
CA GLY A 176 11.67 -10.31 -0.43
C GLY A 176 10.64 -11.43 -0.34
N ASP A 177 9.91 -11.69 -1.43
CA ASP A 177 8.89 -12.74 -1.50
C ASP A 177 9.53 -14.04 -1.98
N LEU A 178 9.87 -14.93 -1.05
CA LEU A 178 10.56 -16.17 -1.40
C LEU A 178 9.64 -17.31 -1.85
N TYR A 179 8.32 -17.10 -1.83
CA TYR A 179 7.41 -18.04 -2.49
C TYR A 179 7.50 -17.83 -3.97
N GLN A 180 7.48 -16.56 -4.37
CA GLN A 180 7.69 -16.18 -5.74
C GLN A 180 9.11 -16.56 -6.22
N MET A 181 10.13 -16.45 -5.38
CA MET A 181 11.48 -16.92 -5.81
C MET A 181 11.44 -18.41 -6.24
N GLU A 182 10.81 -19.24 -5.42
CA GLU A 182 10.68 -20.65 -5.69
C GLU A 182 9.84 -20.92 -6.94
N GLN A 183 8.74 -20.21 -7.07
CA GLN A 183 7.85 -20.30 -8.22
C GLN A 183 8.57 -19.99 -9.55
N ILE A 184 9.39 -18.94 -9.56
CA ILE A 184 10.19 -18.57 -10.74
C ILE A 184 11.16 -19.72 -11.08
N ARG A 185 11.90 -20.20 -10.09
CA ARG A 185 12.83 -21.32 -10.30
C ARG A 185 12.13 -22.56 -10.85
N ARG A 186 10.94 -22.86 -10.35
CA ARG A 186 10.24 -24.09 -10.73
C ARG A 186 9.70 -23.97 -12.16
N GLU A 187 9.20 -22.80 -12.51
CA GLU A 187 8.80 -22.53 -13.88
C GLU A 187 9.99 -22.49 -14.86
N HIS A 188 11.15 -22.02 -14.41
CA HIS A 188 12.30 -21.79 -15.31
C HIS A 188 13.57 -22.48 -14.77
N PRO A 189 13.67 -23.80 -14.99
CA PRO A 189 14.77 -24.55 -14.40
C PRO A 189 16.17 -24.04 -14.76
N ASP A 190 16.34 -23.43 -15.94
CA ASP A 190 17.66 -23.03 -16.43
CA ASP A 190 17.67 -23.02 -16.44
C ASP A 190 17.91 -21.51 -16.33
N LEU A 191 16.89 -20.76 -15.94
CA LEU A 191 16.99 -19.30 -15.80
C LEU A 191 18.04 -18.90 -14.75
N VAL A 192 18.95 -18.01 -15.12
CA VAL A 192 19.83 -17.32 -14.16
C VAL A 192 18.96 -16.37 -13.32
N LEU A 193 19.06 -16.52 -11.99
CA LEU A 193 18.13 -15.90 -11.03
C LEU A 193 18.90 -15.28 -9.87
N TYR A 194 19.13 -13.98 -9.94
CA TYR A 194 19.92 -13.28 -8.93
C TYR A 194 19.06 -12.82 -7.77
N ASN A 195 19.49 -13.14 -6.55
CA ASN A 195 18.88 -12.61 -5.33
C ASN A 195 19.31 -11.15 -5.15
N GLY A 196 18.33 -10.25 -5.01
CA GLY A 196 18.57 -8.81 -4.91
C GLY A 196 18.72 -8.19 -3.52
N TYR A 197 18.08 -8.77 -2.51
CA TYR A 197 18.16 -8.21 -1.16
C TYR A 197 19.25 -8.90 -0.35
N ASP A 198 20.32 -8.17 -0.09
CA ASP A 198 21.49 -8.73 0.58
C ASP A 198 21.17 -9.41 1.89
N ASN A 199 20.23 -8.84 2.64
CA ASN A 199 19.88 -9.34 3.96
C ASN A 199 19.08 -10.65 3.98
N ILE A 200 18.79 -11.24 2.83
CA ILE A 200 18.17 -12.57 2.79
C ILE A 200 18.87 -13.55 1.82
N PHE A 201 20.11 -13.24 1.45
CA PHE A 201 20.85 -14.02 0.45
C PHE A 201 20.74 -15.54 0.65
N ALA A 202 21.13 -16.02 1.83
CA ALA A 202 21.13 -17.47 2.12
C ALA A 202 19.74 -18.11 1.95
N SER A 203 18.71 -17.38 2.39
CA SER A 203 17.30 -17.80 2.23
C SER A 203 16.85 -17.75 0.78
N GLY A 204 17.34 -16.76 0.03
CA GLY A 204 17.02 -16.67 -1.39
C GLY A 204 17.61 -17.80 -2.22
N LEU A 205 18.87 -18.14 -1.92
CA LEU A 205 19.52 -19.28 -2.52
C LEU A 205 18.73 -20.57 -2.21
N LEU A 206 18.38 -20.78 -0.96
CA LEU A 206 17.60 -21.96 -0.58
C LEU A 206 16.27 -22.02 -1.33
N ALA A 207 15.63 -20.87 -1.51
CA ALA A 207 14.36 -20.82 -2.24
C ALA A 207 14.49 -21.06 -3.77
N GLY A 208 15.68 -20.90 -4.35
CA GLY A 208 15.85 -21.13 -5.80
C GLY A 208 16.77 -20.20 -6.60
N ALA A 209 17.21 -19.10 -6.00
CA ALA A 209 18.19 -18.22 -6.64
C ALA A 209 19.48 -18.99 -6.83
N ASP A 210 20.21 -18.73 -7.92
CA ASP A 210 21.51 -19.39 -8.18
C ASP A 210 22.63 -18.37 -8.15
N GLY A 211 22.39 -17.26 -7.44
CA GLY A 211 23.37 -16.21 -7.30
C GLY A 211 22.74 -14.94 -6.73
N GLY A 212 23.49 -13.84 -6.83
CA GLY A 212 23.08 -12.61 -6.22
C GLY A 212 23.74 -11.42 -6.86
N ILE A 213 23.04 -10.30 -6.84
CA ILE A 213 23.60 -9.00 -7.16
C ILE A 213 23.29 -8.11 -5.96
N GLY A 214 24.31 -7.47 -5.41
CA GLY A 214 24.11 -6.60 -4.22
C GLY A 214 25.16 -5.53 -3.98
N SER A 215 24.75 -4.51 -3.24
CA SER A 215 25.58 -3.34 -2.99
C SER A 215 26.64 -3.56 -1.89
N THR A 216 26.31 -4.38 -0.89
CA THR A 216 27.24 -4.68 0.21
C THR A 216 28.35 -5.65 -0.20
N TYR A 217 28.24 -6.26 -1.39
CA TYR A 217 29.31 -7.13 -1.88
C TYR A 217 30.60 -6.33 -2.13
N ASN A 218 30.49 -5.02 -2.36
CA ASN A 218 31.68 -4.15 -2.52
C ASN A 218 32.59 -4.21 -1.28
N ILE A 219 32.03 -4.40 -0.09
CA ILE A 219 32.84 -4.39 1.12
C ILE A 219 32.99 -5.74 1.80
N MET A 220 32.26 -6.76 1.34
CA MET A 220 32.37 -8.08 1.95
CA MET A 220 32.38 -8.09 1.95
C MET A 220 31.86 -9.20 1.04
N GLY A 221 32.18 -9.10 -0.24
CA GLY A 221 31.74 -10.08 -1.24
C GLY A 221 32.15 -11.53 -0.98
N TRP A 222 33.30 -11.72 -0.32
CA TRP A 222 33.77 -13.07 0.06
C TRP A 222 32.83 -13.75 1.08
N ARG A 223 32.12 -12.97 1.88
CA ARG A 223 31.13 -13.58 2.79
C ARG A 223 30.02 -14.27 2.01
N TYR A 224 29.58 -13.63 0.93
CA TYR A 224 28.51 -14.15 0.11
C TYR A 224 29.01 -15.35 -0.70
N GLN A 225 30.28 -15.31 -1.12
CA GLN A 225 30.89 -16.51 -1.68
C GLN A 225 31.00 -17.58 -0.61
N GLY A 226 31.34 -17.19 0.60
CA GLY A 226 31.34 -18.12 1.74
C GLY A 226 29.97 -18.77 1.99
N ILE A 227 28.89 -18.00 1.82
CA ILE A 227 27.56 -18.55 1.97
C ILE A 227 27.24 -19.54 0.88
N VAL A 228 27.65 -19.26 -0.37
CA VAL A 228 27.40 -20.17 -1.50
C VAL A 228 28.13 -21.51 -1.31
N LYS A 229 29.36 -21.45 -0.78
CA LYS A 229 30.18 -22.64 -0.59
C LYS A 229 29.63 -23.50 0.54
N ALA A 230 29.37 -22.86 1.68
CA ALA A 230 28.76 -23.50 2.83
C ALA A 230 27.50 -24.27 2.46
N LEU A 231 26.63 -23.67 1.64
CA LEU A 231 25.38 -24.32 1.24
C LEU A 231 25.58 -25.46 0.25
N LYS A 232 26.55 -25.32 -0.64
CA LYS A 232 26.89 -26.37 -1.60
C LYS A 232 27.34 -27.64 -0.88
N GLU A 233 28.11 -27.46 0.19
CA GLU A 233 28.62 -28.56 1.01
C GLU A 233 27.60 -29.07 2.03
N GLY A 234 26.49 -28.34 2.21
CA GLY A 234 25.48 -28.71 3.20
C GLY A 234 25.83 -28.26 4.61
N ASP A 235 26.72 -27.29 4.73
CA ASP A 235 27.12 -26.77 6.04
C ASP A 235 26.26 -25.57 6.43
N ILE A 236 25.09 -25.88 6.99
CA ILE A 236 24.07 -24.88 7.31
C ILE A 236 24.52 -23.91 8.40
N GLN A 237 25.33 -24.37 9.33
CA GLN A 237 25.77 -23.52 10.45
C GLN A 237 26.66 -22.39 9.97
N THR A 238 27.56 -22.72 9.05
CA THR A 238 28.46 -21.73 8.47
C THR A 238 27.68 -20.74 7.61
N ALA A 239 26.74 -21.24 6.81
CA ALA A 239 25.88 -20.36 6.01
C ALA A 239 25.10 -19.35 6.89
N GLN A 240 24.52 -19.83 7.98
CA GLN A 240 23.74 -18.99 8.89
C GLN A 240 24.61 -17.96 9.64
N LYS A 241 25.80 -18.35 10.05
CA LYS A 241 26.72 -17.43 10.75
C LYS A 241 27.19 -16.29 9.83
N LEU A 242 27.49 -16.62 8.58
CA LEU A 242 27.87 -15.60 7.59
C LEU A 242 26.70 -14.64 7.31
N GLN A 243 25.50 -15.17 7.09
CA GLN A 243 24.34 -14.30 6.84
C GLN A 243 24.09 -13.36 8.03
N THR A 244 24.18 -13.91 9.24
CA THR A 244 24.04 -13.15 10.47
C THR A 244 25.03 -12.00 10.53
N GLU A 245 26.29 -12.26 10.19
CA GLU A 245 27.31 -11.20 10.20
C GLU A 245 27.05 -10.16 9.11
N CYS A 246 26.67 -10.60 7.91
CA CYS A 246 26.25 -9.66 6.85
C CYS A 246 25.13 -8.74 7.36
N ASN A 247 24.16 -9.31 8.09
CA ASN A 247 23.02 -8.54 8.56
C ASN A 247 23.35 -7.58 9.71
N LYS A 248 24.34 -7.91 10.52
CA LYS A 248 24.83 -6.96 11.54
C LYS A 248 25.38 -5.76 10.79
N VAL A 249 26.04 -6.03 9.69
CA VAL A 249 26.61 -4.96 8.88
C VAL A 249 25.50 -4.18 8.16
N ILE A 250 24.51 -4.88 7.61
CA ILE A 250 23.37 -4.22 6.96
C ILE A 250 22.56 -3.36 7.93
N ASP A 251 22.37 -3.86 9.15
CA ASP A 251 21.77 -3.08 10.24
C ASP A 251 22.41 -1.69 10.37
N LEU A 252 23.74 -1.64 10.36
CA LEU A 252 24.46 -0.38 10.50
C LEU A 252 24.24 0.54 9.29
N LEU A 253 24.28 -0.04 8.10
CA LEU A 253 24.23 0.72 6.86
C LEU A 253 22.86 1.31 6.62
N ILE A 254 21.82 0.61 7.03
CA ILE A 254 20.46 1.17 6.98
C ILE A 254 20.36 2.40 7.89
N LYS A 255 21.06 2.39 9.03
CA LYS A 255 21.09 3.54 9.92
C LYS A 255 21.87 4.70 9.29
N THR A 256 23.03 4.42 8.72
CA THR A 256 23.88 5.46 8.15
C THR A 256 23.37 6.02 6.80
N GLY A 257 22.58 5.21 6.10
CA GLY A 257 22.39 5.38 4.65
C GLY A 257 23.28 4.36 3.96
N VAL A 258 22.68 3.53 3.10
CA VAL A 258 23.37 2.37 2.56
C VAL A 258 24.55 2.75 1.61
N PHE A 259 24.28 3.59 0.62
CA PHE A 259 25.32 3.92 -0.37
C PHE A 259 26.46 4.72 0.29
N ARG A 260 26.10 5.76 1.01
CA ARG A 260 27.14 6.59 1.66
C ARG A 260 27.91 5.83 2.75
N GLY A 261 27.22 4.94 3.47
CA GLY A 261 27.84 4.08 4.45
C GLY A 261 28.86 3.12 3.84
N LEU A 262 28.52 2.57 2.67
CA LEU A 262 29.44 1.71 1.93
C LEU A 262 30.64 2.50 1.41
N LYS A 263 30.38 3.69 0.89
CA LYS A 263 31.46 4.51 0.35
C LYS A 263 32.46 4.90 1.45
N THR A 264 31.93 5.13 2.66
CA THR A 264 32.77 5.50 3.80
C THR A 264 33.65 4.34 4.25
N VAL A 265 33.07 3.16 4.40
CA VAL A 265 33.89 1.98 4.73
C VAL A 265 35.03 1.82 3.71
N LEU A 266 34.68 1.89 2.43
CA LEU A 266 35.66 1.81 1.36
C LEU A 266 36.70 2.95 1.43
N HIS A 267 36.29 4.11 1.91
CA HIS A 267 37.22 5.20 2.16
C HIS A 267 38.26 4.81 3.21
N TYR A 268 37.83 4.16 4.28
CA TYR A 268 38.73 3.74 5.35
C TYR A 268 39.54 2.49 4.96
N MET A 269 39.10 1.79 3.91
CA MET A 269 39.86 0.68 3.33
C MET A 269 40.87 1.17 2.25
N ASP A 270 41.02 2.49 2.14
CA ASP A 270 41.91 3.15 1.18
C ASP A 270 41.54 2.99 -0.30
N VAL A 271 40.28 2.71 -0.58
CA VAL A 271 39.85 2.49 -1.96
C VAL A 271 39.26 3.76 -2.54
N VAL A 272 38.33 4.38 -1.81
CA VAL A 272 37.61 5.59 -2.27
C VAL A 272 38.17 6.85 -1.61
N SER A 273 38.45 7.88 -2.40
CA SER A 273 39.08 9.12 -1.91
C SER A 273 38.12 10.04 -1.17
N VAL A 274 36.91 10.21 -1.71
CA VAL A 274 35.89 11.08 -1.10
C VAL A 274 34.54 10.31 -1.11
N PRO A 275 33.98 10.00 0.09
CA PRO A 275 32.84 9.07 0.16
C PRO A 275 31.46 9.74 0.05
N LEU A 276 31.32 10.71 -0.84
CA LEU A 276 30.03 11.40 -0.98
C LEU A 276 29.12 10.73 -2.02
N CYS A 277 27.81 10.85 -1.83
CA CYS A 277 26.81 10.55 -2.86
C CYS A 277 26.40 11.89 -3.48
N ARG A 278 25.74 11.84 -4.63
CA ARG A 278 25.25 13.07 -5.25
C ARG A 278 23.95 13.57 -4.65
N LYS A 279 23.84 14.90 -4.59
CA LYS A 279 22.63 15.58 -4.13
C LYS A 279 21.43 15.11 -4.95
N PRO A 280 20.26 14.92 -4.31
CA PRO A 280 19.95 15.34 -2.93
C PRO A 280 20.36 14.38 -1.79
N PHE A 281 21.16 13.34 -2.05
CA PHE A 281 21.78 12.60 -0.94
C PHE A 281 22.63 13.55 -0.13
N GLY A 282 22.47 13.51 1.19
CA GLY A 282 23.34 14.26 2.10
C GLY A 282 24.48 13.40 2.63
N PRO A 283 25.34 14.01 3.46
CA PRO A 283 26.51 13.31 4.00
C PRO A 283 26.15 12.32 5.11
N VAL A 284 27.10 11.46 5.44
CA VAL A 284 26.92 10.59 6.60
C VAL A 284 27.05 11.44 7.84
N ASP A 285 26.25 11.11 8.85
CA ASP A 285 26.32 11.77 10.13
C ASP A 285 27.66 11.45 10.82
N GLU A 286 28.35 12.49 11.26
CA GLU A 286 29.62 12.39 12.02
C GLU A 286 29.67 11.26 13.05
N LYS A 287 28.60 11.10 13.83
CA LYS A 287 28.59 10.15 14.95
C LYS A 287 28.79 8.68 14.55
N TYR A 288 28.46 8.34 13.30
CA TYR A 288 28.58 6.98 12.80
C TYR A 288 29.99 6.63 12.33
N LEU A 289 30.85 7.63 12.16
CA LEU A 289 32.22 7.40 11.65
C LEU A 289 33.06 6.39 12.46
N PRO A 290 33.02 6.47 13.81
CA PRO A 290 33.73 5.47 14.62
C PRO A 290 33.35 4.02 14.28
N GLU A 291 32.05 3.75 14.21
CA GLU A 291 31.53 2.41 13.91
CA GLU A 291 31.59 2.40 13.94
C GLU A 291 31.95 1.96 12.52
N LEU A 292 31.93 2.89 11.58
CA LEU A 292 32.26 2.59 10.18
C LEU A 292 33.76 2.31 10.00
N LYS A 293 34.61 3.08 10.70
CA LYS A 293 36.05 2.78 10.72
C LYS A 293 36.28 1.44 11.39
N ALA A 294 35.66 1.25 12.55
CA ALA A 294 35.73 -0.04 13.24
C ALA A 294 35.37 -1.19 12.29
N LEU A 295 34.30 -1.01 11.50
CA LEU A 295 33.89 -2.04 10.55
C LEU A 295 34.94 -2.26 9.45
N ALA A 296 35.49 -1.17 8.93
CA ALA A 296 36.53 -1.26 7.92
C ALA A 296 37.71 -2.07 8.45
N GLN A 297 38.12 -1.79 9.69
CA GLN A 297 39.22 -2.53 10.35
C GLN A 297 38.92 -4.01 10.50
N GLN A 298 37.73 -4.34 11.01
CA GLN A 298 37.32 -5.74 11.17
C GLN A 298 37.33 -6.50 9.85
N LEU A 299 36.92 -5.84 8.78
CA LEU A 299 36.80 -6.49 7.46
C LEU A 299 38.17 -6.76 6.85
N MET A 300 39.08 -5.78 6.98
CA MET A 300 40.47 -5.94 6.55
C MET A 300 41.21 -6.99 7.39
N GLN A 301 40.79 -7.16 8.65
CA GLN A 301 41.37 -8.19 9.50
C GLN A 301 40.95 -9.57 9.01
N GLU A 302 39.64 -9.83 8.94
CA GLU A 302 39.14 -11.18 8.63
C GLU A 302 39.55 -11.65 7.22
N ARG A 303 39.51 -10.72 6.28
CA ARG A 303 40.17 -10.90 4.99
C ARG A 303 41.53 -10.27 5.19
N GLY A 304 42.51 -11.11 5.55
CA GLY A 304 43.84 -10.63 5.98
C GLY A 304 44.43 -9.54 5.11
N ALA B 9 -36.03 3.85 -0.61
CA ALA B 9 -34.79 4.67 -0.51
C ALA B 9 -35.12 6.17 -0.46
N THR B 10 -36.05 6.60 -1.31
CA THR B 10 -36.40 8.03 -1.45
C THR B 10 -36.39 8.85 -0.13
N ASN B 11 -37.14 8.38 0.87
CA ASN B 11 -37.20 9.04 2.18
C ASN B 11 -35.99 8.74 3.10
N LEU B 12 -34.96 8.07 2.58
CA LEU B 12 -33.73 7.81 3.34
C LEU B 12 -32.66 8.91 3.17
N ARG B 13 -32.89 9.87 2.27
CA ARG B 13 -31.97 11.00 2.06
C ARG B 13 -31.82 11.83 3.34
N GLY B 14 -30.59 12.10 3.77
CA GLY B 14 -30.36 13.10 4.82
C GLY B 14 -29.10 13.01 5.64
N VAL B 15 -29.06 13.79 6.71
CA VAL B 15 -27.94 13.82 7.62
C VAL B 15 -28.30 12.92 8.81
N MET B 16 -27.56 11.82 8.96
CA MET B 16 -27.86 10.81 9.96
C MET B 16 -26.66 10.64 10.88
N ALA B 17 -26.85 10.71 12.19
CA ALA B 17 -25.72 10.58 13.14
C ALA B 17 -25.38 9.09 13.38
N ALA B 18 -24.09 8.77 13.25
CA ALA B 18 -23.60 7.42 13.58
C ALA B 18 -23.56 7.28 15.09
N LEU B 19 -24.59 6.64 15.66
CA LEU B 19 -24.79 6.65 17.12
C LEU B 19 -23.66 5.95 17.89
N LEU B 20 -23.17 6.61 18.94
CA LEU B 20 -22.22 5.98 19.85
C LEU B 20 -22.97 5.12 20.86
N THR B 21 -22.33 4.03 21.32
CA THR B 21 -22.89 3.21 22.39
C THR B 21 -22.26 3.59 23.74
N PRO B 22 -23.06 4.18 24.66
CA PRO B 22 -22.50 4.55 25.98
C PRO B 22 -22.38 3.34 26.91
N PHE B 23 -21.34 3.32 27.76
CA PHE B 23 -21.08 2.23 28.69
C PHE B 23 -20.88 2.76 30.12
N ASP B 24 -21.22 1.94 31.11
CA ASP B 24 -21.04 2.27 32.54
C ASP B 24 -19.63 1.94 32.99
N GLN B 25 -19.35 2.12 34.27
CA GLN B 25 -17.97 1.95 34.76
C GLN B 25 -17.46 0.53 34.61
N GLN B 26 -18.37 -0.44 34.56
CA GLN B 26 -18.03 -1.85 34.34
C GLN B 26 -18.05 -2.25 32.85
N GLN B 27 -18.09 -1.28 31.94
CA GLN B 27 -18.12 -1.51 30.48
C GLN B 27 -19.38 -2.24 29.95
N ALA B 28 -20.43 -2.25 30.76
CA ALA B 28 -21.75 -2.73 30.34
C ALA B 28 -22.51 -1.60 29.64
N LEU B 29 -23.54 -1.95 28.86
CA LEU B 29 -24.43 -0.97 28.25
C LEU B 29 -25.04 -0.05 29.30
N ASP B 30 -24.82 1.27 29.16
CA ASP B 30 -25.47 2.27 30.03
C ASP B 30 -26.76 2.74 29.37
N LYS B 31 -27.88 2.13 29.77
CA LYS B 31 -29.17 2.35 29.14
C LYS B 31 -29.64 3.82 29.24
N ALA B 32 -29.43 4.43 30.40
CA ALA B 32 -29.92 5.79 30.64
C ALA B 32 -29.21 6.77 29.71
N SER B 33 -27.88 6.68 29.65
CA SER B 33 -27.12 7.56 28.77
C SER B 33 -27.51 7.28 27.29
N LEU B 34 -27.68 6.01 26.92
CA LEU B 34 -28.11 5.69 25.55
C LEU B 34 -29.38 6.46 25.18
N ARG B 35 -30.42 6.34 26.02
CA ARG B 35 -31.66 7.11 25.79
C ARG B 35 -31.41 8.60 25.77
N ARG B 36 -30.56 9.09 26.67
CA ARG B 36 -30.21 10.50 26.64
C ARG B 36 -29.59 10.91 25.32
N LEU B 37 -28.63 10.12 24.83
CA LEU B 37 -27.97 10.44 23.56
C LEU B 37 -28.96 10.48 22.41
N VAL B 38 -29.92 9.56 22.36
CA VAL B 38 -30.90 9.50 21.25
C VAL B 38 -31.73 10.80 21.18
N GLN B 39 -32.36 11.18 22.29
CA GLN B 39 -33.13 12.44 22.38
C GLN B 39 -32.28 13.67 22.05
N PHE B 40 -31.07 13.73 22.58
CA PHE B 40 -30.13 14.82 22.35
C PHE B 40 -29.84 15.01 20.86
N ASN B 41 -29.60 13.90 20.16
CA ASN B 41 -29.54 13.91 18.70
C ASN B 41 -30.82 14.45 18.07
N ILE B 42 -31.97 13.95 18.50
CA ILE B 42 -33.25 14.42 17.97
C ILE B 42 -33.41 15.95 18.16
N GLN B 43 -32.95 16.48 19.30
CA GLN B 43 -33.08 17.93 19.61
C GLN B 43 -32.19 18.81 18.74
N GLN B 44 -31.15 18.22 18.16
CA GLN B 44 -30.29 18.91 17.21
C GLN B 44 -30.88 19.03 15.79
N GLY B 45 -31.93 18.26 15.52
CA GLY B 45 -32.65 18.37 14.26
C GLY B 45 -32.06 17.47 13.19
N ILE B 46 -31.52 16.32 13.60
CA ILE B 46 -30.90 15.36 12.69
C ILE B 46 -32.02 14.66 11.94
N ASP B 47 -31.77 14.19 10.73
CA ASP B 47 -32.82 13.49 9.97
C ASP B 47 -33.03 12.05 10.46
N GLY B 48 -31.99 11.48 11.07
CA GLY B 48 -32.04 10.08 11.50
C GLY B 48 -30.81 9.63 12.25
N LEU B 49 -30.83 8.36 12.65
CA LEU B 49 -29.75 7.72 13.39
C LEU B 49 -29.33 6.40 12.72
N TYR B 50 -28.02 6.18 12.67
CA TYR B 50 -27.40 5.01 12.10
C TYR B 50 -26.83 4.26 13.29
N VAL B 51 -27.47 3.14 13.62
CA VAL B 51 -27.32 2.49 14.92
C VAL B 51 -26.53 1.19 14.80
N GLY B 52 -25.54 1.00 15.68
CA GLY B 52 -24.74 -0.25 15.70
C GLY B 52 -23.66 -0.35 14.61
N GLY B 53 -23.29 0.79 14.03
CA GLY B 53 -22.20 0.85 13.04
C GLY B 53 -20.85 0.82 13.74
N SER B 54 -19.77 1.04 12.99
CA SER B 54 -18.41 1.11 13.57
C SER B 54 -18.37 2.08 14.77
N THR B 55 -18.99 3.26 14.60
CA THR B 55 -19.00 4.32 15.59
C THR B 55 -19.66 3.83 16.87
N GLY B 56 -20.64 2.95 16.71
CA GLY B 56 -21.33 2.34 17.82
C GLY B 56 -20.58 1.22 18.54
N GLU B 57 -19.29 1.06 18.26
CA GLU B 57 -18.46 -0.04 18.79
C GLU B 57 -19.06 -1.44 18.60
N ALA B 58 -19.75 -1.64 17.49
CA ALA B 58 -20.42 -2.91 17.23
C ALA B 58 -19.48 -4.10 17.35
N PHE B 59 -18.24 -3.93 16.90
CA PHE B 59 -17.35 -5.06 16.72
C PHE B 59 -16.63 -5.48 18.01
N VAL B 60 -16.87 -4.75 19.09
CA VAL B 60 -16.60 -5.22 20.43
C VAL B 60 -17.88 -5.51 21.25
N GLN B 61 -18.98 -5.81 20.58
CA GLN B 61 -20.22 -6.20 21.23
C GLN B 61 -20.70 -7.57 20.73
N SER B 62 -21.46 -8.26 21.57
CA SER B 62 -22.08 -9.54 21.19
C SER B 62 -23.34 -9.27 20.37
N LEU B 63 -23.91 -10.29 19.77
CA LEU B 63 -25.13 -10.10 18.98
C LEU B 63 -26.29 -9.62 19.86
N SER B 64 -26.39 -10.16 21.07
CA SER B 64 -27.46 -9.77 22.00
C SER B 64 -27.27 -8.32 22.51
N GLU B 65 -26.04 -7.87 22.70
CA GLU B 65 -25.80 -6.48 23.08
C GLU B 65 -26.22 -5.56 21.94
N ARG B 66 -25.87 -5.92 20.71
CA ARG B 66 -26.25 -5.13 19.54
C ARG B 66 -27.81 -5.09 19.38
N GLU B 67 -28.47 -6.21 19.62
CA GLU B 67 -29.94 -6.25 19.62
C GLU B 67 -30.55 -5.36 20.68
N GLN B 68 -29.98 -5.38 21.88
CA GLN B 68 -30.46 -4.56 22.99
C GLN B 68 -30.41 -3.07 22.66
N VAL B 69 -29.35 -2.62 21.99
CA VAL B 69 -29.23 -1.22 21.61
C VAL B 69 -30.27 -0.87 20.56
N LEU B 70 -30.43 -1.75 19.57
CA LEU B 70 -31.42 -1.53 18.51
C LEU B 70 -32.82 -1.37 19.09
N GLU B 71 -33.17 -2.21 20.06
CA GLU B 71 -34.51 -2.20 20.65
C GLU B 71 -34.76 -0.91 21.38
N ILE B 72 -33.80 -0.53 22.22
CA ILE B 72 -33.92 0.69 22.99
C ILE B 72 -34.04 1.94 22.11
N VAL B 73 -33.20 2.04 21.07
CA VAL B 73 -33.26 3.19 20.15
C VAL B 73 -34.61 3.28 19.42
N ALA B 74 -35.12 2.14 18.98
CA ALA B 74 -36.47 2.09 18.40
C ALA B 74 -37.50 2.62 19.41
N GLU B 75 -37.41 2.19 20.66
CA GLU B 75 -38.28 2.71 21.72
C GLU B 75 -38.26 4.24 21.77
N GLU B 76 -37.05 4.81 21.83
CA GLU B 76 -36.88 6.27 22.01
C GLU B 76 -37.31 7.13 20.83
N ALA B 77 -37.22 6.58 19.61
CA ALA B 77 -37.19 7.40 18.39
C ALA B 77 -37.98 6.90 17.19
N LYS B 78 -38.49 5.66 17.24
CA LYS B 78 -39.30 5.16 16.12
C LYS B 78 -40.46 6.13 15.85
N GLY B 79 -40.62 6.54 14.60
CA GLY B 79 -41.65 7.49 14.19
C GLY B 79 -41.37 8.98 14.39
N LYS B 80 -40.22 9.32 14.98
CA LYS B 80 -39.80 10.72 15.15
C LYS B 80 -38.69 11.12 14.18
N ILE B 81 -37.79 10.18 13.89
CA ILE B 81 -36.71 10.35 12.92
C ILE B 81 -36.47 9.01 12.23
N LYS B 82 -35.70 9.01 11.14
CA LYS B 82 -35.45 7.77 10.41
C LYS B 82 -34.43 6.93 11.18
N LEU B 83 -34.55 5.60 11.08
CA LEU B 83 -33.71 4.67 11.84
C LEU B 83 -33.11 3.62 10.90
N ILE B 84 -31.77 3.55 10.88
CA ILE B 84 -31.06 2.57 10.08
C ILE B 84 -30.25 1.67 11.01
N ALA B 85 -30.42 0.36 10.85
CA ALA B 85 -29.73 -0.63 11.68
C ALA B 85 -28.52 -1.20 10.95
N HIS B 86 -27.33 -0.92 11.46
CA HIS B 86 -26.16 -1.58 10.90
C HIS B 86 -26.07 -2.97 11.52
N VAL B 87 -26.30 -3.99 10.69
CA VAL B 87 -26.41 -5.36 11.14
C VAL B 87 -25.21 -6.18 10.65
N GLY B 88 -24.24 -5.53 10.03
CA GLY B 88 -23.10 -6.24 9.43
C GLY B 88 -22.19 -6.92 10.43
N CYS B 89 -21.86 -8.18 10.13
CA CYS B 89 -20.81 -8.95 10.80
C CYS B 89 -20.01 -9.66 9.72
N VAL B 90 -18.91 -10.31 10.10
CA VAL B 90 -18.14 -11.13 9.15
C VAL B 90 -19.00 -12.29 8.65
N SER B 91 -19.61 -13.02 9.58
CA SER B 91 -20.56 -14.09 9.31
C SER B 91 -21.86 -13.59 8.66
N THR B 92 -22.27 -14.23 7.55
CA THR B 92 -23.57 -13.94 6.93
C THR B 92 -24.70 -14.28 7.91
N ALA B 93 -24.67 -15.49 8.46
CA ALA B 93 -25.68 -15.94 9.40
C ALA B 93 -25.87 -14.98 10.56
N GLU B 94 -24.76 -14.50 11.15
CA GLU B 94 -24.86 -13.49 12.22
C GLU B 94 -25.53 -12.19 11.80
N SER B 95 -25.13 -11.70 10.63
CA SER B 95 -25.71 -10.52 10.04
C SER B 95 -27.22 -10.71 9.76
N GLN B 96 -27.60 -11.91 9.30
CA GLN B 96 -29.04 -12.26 9.13
C GLN B 96 -29.89 -12.15 10.41
N GLN B 97 -29.37 -12.63 11.54
CA GLN B 97 -30.09 -12.56 12.81
C GLN B 97 -30.36 -11.10 13.17
N LEU B 98 -29.33 -10.27 13.04
CA LEU B 98 -29.46 -8.86 13.41
C LEU B 98 -30.45 -8.16 12.49
N ALA B 99 -30.52 -8.62 11.23
CA ALA B 99 -31.42 -8.07 10.24
C ALA B 99 -32.87 -8.42 10.58
N ALA B 100 -33.13 -9.70 10.85
CA ALA B 100 -34.46 -10.14 11.31
C ALA B 100 -34.92 -9.34 12.54
N SER B 101 -34.00 -9.10 13.47
CA SER B 101 -34.32 -8.31 14.66
C SER B 101 -34.66 -6.83 14.35
N ALA B 102 -33.91 -6.21 13.45
CA ALA B 102 -34.17 -4.82 13.04
C ALA B 102 -35.58 -4.66 12.45
N LYS B 103 -35.98 -5.63 11.63
CA LYS B 103 -37.35 -5.73 11.15
C LYS B 103 -38.35 -5.79 12.33
N ARG B 104 -38.18 -6.75 13.24
CA ARG B 104 -39.07 -6.84 14.40
C ARG B 104 -39.18 -5.51 15.20
N TYR B 105 -38.05 -4.83 15.43
CA TYR B 105 -38.11 -3.59 16.22
C TYR B 105 -38.65 -2.39 15.45
N GLY B 106 -38.94 -2.58 14.16
CA GLY B 106 -39.53 -1.55 13.33
C GLY B 106 -38.57 -0.49 12.77
N PHE B 107 -37.38 -0.94 12.36
CA PHE B 107 -36.41 -0.02 11.72
C PHE B 107 -36.81 0.27 10.27
N ASP B 108 -36.39 1.43 9.77
CA ASP B 108 -36.69 1.86 8.40
C ASP B 108 -35.81 1.16 7.39
N ALA B 109 -34.59 0.83 7.81
CA ALA B 109 -33.63 0.19 6.90
C ALA B 109 -32.57 -0.63 7.64
N VAL B 110 -31.88 -1.48 6.89
CA VAL B 110 -30.68 -2.16 7.37
C VAL B 110 -29.44 -1.73 6.57
N SER B 111 -28.27 -2.03 7.12
CA SER B 111 -27.00 -1.70 6.52
C SER B 111 -25.98 -2.75 6.88
N ALA B 112 -25.00 -2.99 6.01
CA ALA B 112 -23.94 -3.96 6.33
C ALA B 112 -22.60 -3.61 5.72
N VAL B 113 -21.55 -3.64 6.57
CA VAL B 113 -20.19 -3.44 6.09
C VAL B 113 -19.76 -4.66 5.28
N THR B 114 -19.00 -4.39 4.25
CA THR B 114 -18.36 -5.45 3.45
C THR B 114 -17.63 -6.37 4.41
N PRO B 115 -17.94 -7.68 4.38
CA PRO B 115 -17.34 -8.54 5.38
C PRO B 115 -15.82 -8.49 5.32
N PHE B 116 -15.16 -8.46 6.49
CA PHE B 116 -13.72 -8.18 6.56
C PHE B 116 -12.88 -9.34 7.11
N TYR B 117 -11.57 -9.11 7.21
CA TYR B 117 -10.55 -10.02 7.74
C TYR B 117 -10.14 -11.08 6.73
N TYR B 118 -11.06 -11.98 6.39
CA TYR B 118 -10.77 -12.99 5.39
C TYR B 118 -11.03 -12.41 4.02
N PRO B 119 -10.17 -12.71 3.05
CA PRO B 119 -10.50 -12.16 1.73
C PRO B 119 -11.61 -12.98 1.07
N PHE B 120 -12.71 -12.31 0.74
CA PHE B 120 -13.82 -12.96 0.07
C PHE B 120 -13.90 -12.46 -1.35
N SER B 121 -14.25 -13.36 -2.25
CA SER B 121 -14.50 -13.03 -3.65
CA SER B 121 -14.52 -13.05 -3.65
C SER B 121 -15.67 -12.05 -3.78
N PHE B 122 -15.73 -11.33 -4.89
CA PHE B 122 -16.79 -10.30 -5.06
C PHE B 122 -18.18 -10.94 -5.17
N GLU B 123 -18.29 -12.05 -5.87
CA GLU B 123 -19.57 -12.78 -5.88
C GLU B 123 -19.95 -13.21 -4.46
N GLU B 124 -18.95 -13.53 -3.63
CA GLU B 124 -19.19 -13.92 -2.25
C GLU B 124 -19.79 -12.73 -1.49
N HIS B 125 -19.22 -11.55 -1.69
CA HIS B 125 -19.78 -10.33 -1.18
C HIS B 125 -21.21 -10.13 -1.67
N CYS B 126 -21.47 -10.44 -2.93
CA CYS B 126 -22.83 -10.31 -3.47
C CYS B 126 -23.85 -11.23 -2.77
N ASP B 127 -23.56 -12.51 -2.64
CA ASP B 127 -24.48 -13.44 -1.95
C ASP B 127 -24.74 -13.03 -0.49
N HIS B 128 -23.66 -12.61 0.16
CA HIS B 128 -23.72 -12.10 1.53
C HIS B 128 -24.78 -11.01 1.62
N TYR B 129 -24.74 -10.05 0.73
CA TYR B 129 -25.75 -8.98 0.75
C TYR B 129 -27.15 -9.51 0.39
N ARG B 130 -27.25 -10.39 -0.60
CA ARG B 130 -28.55 -10.99 -0.95
C ARG B 130 -29.20 -11.65 0.27
N ALA B 131 -28.42 -12.41 1.03
CA ALA B 131 -28.92 -13.17 2.18
C ALA B 131 -29.42 -12.24 3.30
N ILE B 132 -28.70 -11.17 3.54
CA ILE B 132 -29.07 -10.23 4.57
C ILE B 132 -30.36 -9.50 4.17
N ILE B 133 -30.45 -9.15 2.89
CA ILE B 133 -31.65 -8.53 2.32
C ILE B 133 -32.90 -9.43 2.44
N ASP B 134 -32.76 -10.73 2.21
CA ASP B 134 -33.87 -11.67 2.42
CA ASP B 134 -33.86 -11.69 2.44
C ASP B 134 -34.32 -11.60 3.89
N SER B 135 -33.37 -11.72 4.80
CA SER B 135 -33.67 -11.73 6.21
C SER B 135 -34.23 -10.42 6.73
N ALA B 136 -33.91 -9.28 6.09
CA ALA B 136 -34.50 -7.97 6.45
C ALA B 136 -35.98 -7.85 6.06
N ASP B 137 -36.42 -8.66 5.08
CA ASP B 137 -37.85 -8.83 4.78
C ASP B 137 -38.58 -7.50 4.56
N GLY B 138 -38.20 -6.79 3.50
CA GLY B 138 -38.83 -5.51 3.14
C GLY B 138 -38.00 -4.26 3.44
N LEU B 139 -37.13 -4.35 4.44
CA LEU B 139 -36.25 -3.22 4.78
C LEU B 139 -35.20 -2.99 3.69
N PRO B 140 -35.09 -1.76 3.18
CA PRO B 140 -34.04 -1.47 2.23
C PRO B 140 -32.65 -1.69 2.82
N MET B 141 -31.71 -2.13 1.99
CA MET B 141 -30.31 -2.30 2.39
C MET B 141 -29.47 -1.09 2.01
N VAL B 142 -28.68 -0.58 2.97
CA VAL B 142 -27.62 0.40 2.72
C VAL B 142 -26.27 -0.34 2.70
N VAL B 143 -25.70 -0.51 1.51
CA VAL B 143 -24.36 -1.05 1.35
C VAL B 143 -23.34 -0.07 1.95
N TYR B 144 -22.44 -0.57 2.80
CA TYR B 144 -21.54 0.30 3.63
C TYR B 144 -20.10 0.04 3.21
N ASN B 145 -19.54 0.99 2.45
CA ASN B 145 -18.17 0.90 1.90
C ASN B 145 -17.15 1.75 2.68
N ILE B 146 -16.14 1.08 3.26
CA ILE B 146 -15.07 1.75 4.02
C ILE B 146 -13.74 0.99 3.84
N PRO B 147 -13.09 1.12 2.67
CA PRO B 147 -11.83 0.44 2.35
C PRO B 147 -10.80 0.59 3.45
N ALA B 148 -10.60 1.82 3.94
CA ALA B 148 -9.56 2.11 4.96
C ALA B 148 -9.56 1.10 6.11
N LEU B 149 -10.75 0.76 6.61
CA LEU B 149 -10.91 -0.10 7.77
C LEU B 149 -11.13 -1.56 7.43
N SER B 150 -11.97 -1.81 6.41
CA SER B 150 -12.39 -3.17 6.05
C SER B 150 -11.35 -3.94 5.23
N GLY B 151 -10.42 -3.20 4.61
CA GLY B 151 -9.42 -3.81 3.74
C GLY B 151 -9.95 -4.30 2.41
N VAL B 152 -11.23 -4.08 2.12
CA VAL B 152 -11.85 -4.52 0.87
C VAL B 152 -11.85 -3.39 -0.14
N LYS B 153 -11.30 -3.65 -1.32
CA LYS B 153 -11.03 -2.61 -2.32
C LYS B 153 -11.83 -2.82 -3.62
N LEU B 154 -13.09 -2.38 -3.59
CA LEU B 154 -14.02 -2.58 -4.71
C LEU B 154 -13.73 -1.67 -5.90
N THR B 155 -13.90 -2.21 -7.10
CA THR B 155 -13.84 -1.39 -8.31
C THR B 155 -15.18 -0.69 -8.48
N LEU B 156 -15.22 0.32 -9.34
CA LEU B 156 -16.44 1.06 -9.61
C LEU B 156 -17.53 0.15 -10.18
N ASP B 157 -17.12 -0.70 -11.13
CA ASP B 157 -18.02 -1.71 -11.72
C ASP B 157 -18.62 -2.63 -10.66
N GLN B 158 -17.80 -3.01 -9.69
CA GLN B 158 -18.26 -3.85 -8.60
C GLN B 158 -19.20 -3.06 -7.70
N ILE B 159 -18.86 -1.81 -7.43
CA ILE B 159 -19.76 -0.91 -6.68
C ILE B 159 -21.11 -0.77 -7.38
N ASN B 160 -21.09 -0.55 -8.70
CA ASN B 160 -22.32 -0.44 -9.53
C ASN B 160 -23.22 -1.68 -9.47
N THR B 161 -22.63 -2.87 -9.50
CA THR B 161 -23.42 -4.10 -9.36
C THR B 161 -24.02 -4.22 -7.97
N LEU B 162 -23.25 -3.91 -6.93
CA LEU B 162 -23.72 -4.05 -5.55
C LEU B 162 -24.90 -3.14 -5.30
N VAL B 163 -24.78 -1.90 -5.74
CA VAL B 163 -25.81 -0.91 -5.44
C VAL B 163 -27.09 -1.10 -6.28
N THR B 164 -27.05 -1.95 -7.28
CA THR B 164 -28.25 -2.28 -8.08
C THR B 164 -28.82 -3.66 -7.75
N LEU B 165 -28.45 -4.23 -6.61
CA LEU B 165 -28.99 -5.51 -6.20
C LEU B 165 -30.42 -5.29 -5.74
N PRO B 166 -31.33 -6.23 -6.07
CA PRO B 166 -32.71 -6.05 -5.57
C PRO B 166 -32.72 -5.86 -4.05
N GLY B 167 -33.36 -4.79 -3.59
CA GLY B 167 -33.43 -4.45 -2.18
C GLY B 167 -32.42 -3.41 -1.68
N VAL B 168 -31.46 -3.01 -2.53
CA VAL B 168 -30.52 -1.95 -2.14
C VAL B 168 -31.13 -0.59 -2.43
N GLY B 169 -31.31 0.21 -1.38
CA GLY B 169 -31.78 1.57 -1.51
C GLY B 169 -30.75 2.66 -1.34
N ALA B 170 -29.50 2.31 -1.01
CA ALA B 170 -28.52 3.33 -0.62
C ALA B 170 -27.07 2.82 -0.56
N LEU B 171 -26.11 3.75 -0.59
CA LEU B 171 -24.67 3.46 -0.42
C LEU B 171 -24.09 4.41 0.62
N KPI B 172 -23.50 3.89 1.69
CA KPI B 172 -22.67 4.69 2.60
CB KPI B 172 -22.68 4.17 4.05
CG KPI B 172 -22.11 5.17 5.10
CD KPI B 172 -22.05 4.54 6.49
CE KPI B 172 -21.13 5.31 7.48
NZ KPI B 172 -21.09 4.63 8.82
CX1 KPI B 172 -20.53 5.09 9.96
C1 KPI B 172 -20.14 6.56 10.12
CX2 KPI B 172 -20.35 4.13 11.13
O1 KPI B 172 -20.68 2.96 10.96
O2 KPI B 172 -19.87 4.52 12.22
C KPI B 172 -21.24 4.66 2.04
O KPI B 172 -20.58 3.61 2.03
N GLN B 173 -20.80 5.81 1.54
CA GLN B 173 -19.51 5.96 0.87
C GLN B 173 -18.48 6.58 1.81
N THR B 174 -17.82 5.73 2.58
CA THR B 174 -16.77 6.23 3.47
C THR B 174 -15.48 6.10 2.71
N SER B 175 -15.35 7.02 1.75
CA SER B 175 -14.16 7.18 0.97
C SER B 175 -13.90 8.65 0.64
N GLY B 176 -12.60 8.98 0.58
CA GLY B 176 -12.14 10.31 0.24
C GLY B 176 -11.96 10.57 -1.25
N ASP B 177 -12.29 9.59 -2.08
CA ASP B 177 -12.18 9.71 -3.54
C ASP B 177 -13.41 10.40 -4.14
N LEU B 178 -13.34 11.72 -4.34
CA LEU B 178 -14.53 12.45 -4.82
C LEU B 178 -14.77 12.42 -6.34
N TYR B 179 -13.84 11.84 -7.08
CA TYR B 179 -14.04 11.47 -8.49
C TYR B 179 -15.00 10.32 -8.54
N GLN B 180 -14.74 9.32 -7.71
CA GLN B 180 -15.60 8.15 -7.61
C GLN B 180 -16.98 8.56 -7.08
N MET B 181 -17.04 9.49 -6.13
CA MET B 181 -18.34 10.02 -5.65
C MET B 181 -19.17 10.54 -6.82
N GLU B 182 -18.55 11.33 -7.69
CA GLU B 182 -19.25 11.92 -8.85
C GLU B 182 -19.63 10.86 -9.87
N GLN B 183 -18.72 9.92 -10.13
CA GLN B 183 -19.01 8.81 -11.04
C GLN B 183 -20.22 7.99 -10.59
N ILE B 184 -20.28 7.67 -9.29
CA ILE B 184 -21.39 6.90 -8.72
C ILE B 184 -22.69 7.64 -8.95
N ARG B 185 -22.70 8.93 -8.62
CA ARG B 185 -23.88 9.77 -8.82
C ARG B 185 -24.31 9.84 -10.29
N ARG B 186 -23.34 9.95 -11.19
CA ARG B 186 -23.61 10.03 -12.62
C ARG B 186 -24.22 8.73 -13.13
N GLU B 187 -23.74 7.60 -12.64
CA GLU B 187 -24.26 6.30 -13.02
C GLU B 187 -25.66 6.02 -12.42
N HIS B 188 -25.91 6.55 -11.22
CA HIS B 188 -27.14 6.28 -10.49
C HIS B 188 -27.79 7.59 -10.01
N PRO B 189 -28.51 8.27 -10.91
CA PRO B 189 -29.10 9.58 -10.58
C PRO B 189 -29.97 9.60 -9.30
N ASP B 190 -30.65 8.50 -9.01
CA ASP B 190 -31.59 8.46 -7.88
C ASP B 190 -31.10 7.72 -6.63
N LEU B 191 -29.90 7.14 -6.65
CA LEU B 191 -29.36 6.47 -5.48
C LEU B 191 -29.23 7.45 -4.32
N VAL B 192 -29.62 7.03 -3.12
CA VAL B 192 -29.27 7.72 -1.86
C VAL B 192 -27.78 7.46 -1.60
N LEU B 193 -27.00 8.52 -1.43
CA LEU B 193 -25.56 8.44 -1.41
C LEU B 193 -25.01 9.25 -0.24
N TYR B 194 -24.58 8.55 0.81
CA TYR B 194 -24.17 9.17 2.06
C TYR B 194 -22.66 9.41 2.10
N ASN B 195 -22.27 10.68 2.26
CA ASN B 195 -20.89 11.04 2.56
C ASN B 195 -20.51 10.47 3.93
N GLY B 196 -19.47 9.66 3.95
CA GLY B 196 -18.99 9.03 5.16
C GLY B 196 -17.86 9.72 5.93
N TYR B 197 -17.03 10.52 5.26
CA TYR B 197 -15.92 11.19 5.95
C TYR B 197 -16.32 12.60 6.35
N ASP B 198 -16.51 12.80 7.64
CA ASP B 198 -17.02 14.07 8.16
C ASP B 198 -16.24 15.29 7.67
N ASN B 199 -14.92 15.14 7.48
CA ASN B 199 -14.04 16.27 7.21
C ASN B 199 -14.01 16.71 5.73
N ILE B 200 -14.78 16.05 4.86
CA ILE B 200 -14.95 16.49 3.49
C ILE B 200 -16.43 16.65 3.14
N PHE B 201 -17.30 16.79 4.15
CA PHE B 201 -18.74 16.80 3.94
C PHE B 201 -19.16 17.79 2.84
N ALA B 202 -18.81 19.06 3.03
CA ALA B 202 -19.10 20.09 2.05
C ALA B 202 -18.67 19.67 0.65
N SER B 203 -17.41 19.28 0.52
CA SER B 203 -16.87 18.83 -0.77
C SER B 203 -17.59 17.59 -1.29
N GLY B 204 -17.97 16.69 -0.38
CA GLY B 204 -18.67 15.47 -0.78
C GLY B 204 -20.07 15.67 -1.36
N LEU B 205 -20.85 16.56 -0.73
CA LEU B 205 -22.12 16.99 -1.28
C LEU B 205 -21.92 17.65 -2.66
N LEU B 206 -20.87 18.47 -2.79
CA LEU B 206 -20.60 19.14 -4.05
C LEU B 206 -20.33 18.11 -5.13
N ALA B 207 -19.62 17.04 -4.77
CA ALA B 207 -19.25 15.99 -5.73
C ALA B 207 -20.42 15.08 -6.15
N GLY B 208 -21.50 15.04 -5.36
CA GLY B 208 -22.71 14.29 -5.72
C GLY B 208 -23.43 13.56 -4.60
N ALA B 209 -22.81 13.49 -3.41
CA ALA B 209 -23.50 12.98 -2.21
C ALA B 209 -24.77 13.75 -1.93
N ASP B 210 -25.82 13.08 -1.43
CA ASP B 210 -27.05 13.80 -1.05
C ASP B 210 -27.36 13.69 0.43
N GLY B 211 -26.31 13.59 1.24
CA GLY B 211 -26.41 13.53 2.67
C GLY B 211 -25.16 12.88 3.27
N GLY B 212 -25.27 12.47 4.53
CA GLY B 212 -24.13 11.93 5.25
C GLY B 212 -24.52 11.10 6.44
N ILE B 213 -23.63 10.20 6.79
CA ILE B 213 -23.67 9.42 8.02
C ILE B 213 -22.31 9.68 8.68
N GLY B 214 -22.33 10.18 9.91
CA GLY B 214 -21.08 10.56 10.60
C GLY B 214 -21.09 10.48 12.11
N SER B 215 -19.94 10.15 12.67
CA SER B 215 -19.76 10.05 14.11
C SER B 215 -19.86 11.43 14.79
N THR B 216 -19.28 12.47 14.20
CA THR B 216 -19.22 13.80 14.86
C THR B 216 -20.55 14.57 14.86
N TYR B 217 -21.53 14.09 14.10
CA TYR B 217 -22.89 14.66 14.15
C TYR B 217 -23.51 14.55 15.55
N ASN B 218 -23.05 13.57 16.34
CA ASN B 218 -23.53 13.39 17.73
C ASN B 218 -23.40 14.64 18.57
N ILE B 219 -22.39 15.46 18.31
CA ILE B 219 -22.12 16.70 19.09
C ILE B 219 -22.28 18.04 18.32
N MET B 220 -22.45 17.98 16.99
CA MET B 220 -22.64 19.21 16.17
C MET B 220 -23.36 18.94 14.84
N GLY B 221 -24.37 18.10 14.89
CA GLY B 221 -25.23 17.80 13.73
C GLY B 221 -25.85 19.01 13.05
N TRP B 222 -26.14 20.06 13.82
CA TRP B 222 -26.72 21.27 13.26
C TRP B 222 -25.76 21.98 12.30
N ARG B 223 -24.45 21.85 12.54
CA ARG B 223 -23.47 22.37 11.59
C ARG B 223 -23.56 21.66 10.24
N TYR B 224 -23.78 20.35 10.26
CA TYR B 224 -23.86 19.60 9.01
C TYR B 224 -25.17 19.95 8.31
N GLN B 225 -26.25 20.14 9.06
CA GLN B 225 -27.50 20.64 8.44
C GLN B 225 -27.34 22.05 7.90
N GLY B 226 -26.53 22.86 8.58
CA GLY B 226 -26.20 24.19 8.09
C GLY B 226 -25.39 24.20 6.81
N ILE B 227 -24.53 23.21 6.63
CA ILE B 227 -23.79 23.07 5.38
C ILE B 227 -24.74 22.71 4.24
N VAL B 228 -25.67 21.80 4.50
CA VAL B 228 -26.66 21.40 3.48
C VAL B 228 -27.49 22.63 3.04
N LYS B 229 -28.07 23.34 4.00
CA LYS B 229 -28.86 24.57 3.70
C LYS B 229 -28.06 25.59 2.91
N ALA B 230 -26.84 25.90 3.36
CA ALA B 230 -26.03 26.92 2.70
C ALA B 230 -25.71 26.57 1.26
N LEU B 231 -25.33 25.32 1.01
CA LEU B 231 -25.04 24.90 -0.35
C LEU B 231 -26.31 24.95 -1.20
N LYS B 232 -27.42 24.50 -0.62
CA LYS B 232 -28.72 24.59 -1.28
C LYS B 232 -29.06 26.04 -1.72
N GLU B 233 -28.65 27.03 -0.93
CA GLU B 233 -28.98 28.42 -1.21
C GLU B 233 -27.87 29.13 -1.99
N GLY B 234 -26.91 28.37 -2.51
CA GLY B 234 -25.76 28.95 -3.20
C GLY B 234 -24.89 29.80 -2.29
N ASP B 235 -24.91 29.46 -1.00
CA ASP B 235 -24.26 30.25 0.04
C ASP B 235 -22.86 29.67 0.39
N ILE B 236 -21.94 29.83 -0.53
CA ILE B 236 -20.67 29.09 -0.48
C ILE B 236 -19.77 29.50 0.70
N GLN B 237 -19.62 30.80 0.95
CA GLN B 237 -18.78 31.24 2.10
C GLN B 237 -19.23 30.59 3.42
N THR B 238 -20.53 30.59 3.65
CA THR B 238 -21.10 30.00 4.85
C THR B 238 -20.79 28.50 4.90
N ALA B 239 -20.99 27.80 3.79
CA ALA B 239 -20.67 26.37 3.73
C ALA B 239 -19.21 26.13 4.15
N GLN B 240 -18.30 26.86 3.51
CA GLN B 240 -16.88 26.72 3.79
C GLN B 240 -16.50 26.99 5.25
N LYS B 241 -17.15 28.00 5.81
CA LYS B 241 -16.89 28.43 7.18
C LYS B 241 -17.38 27.37 8.15
N LEU B 242 -18.52 26.74 7.85
CA LEU B 242 -19.03 25.66 8.71
C LEU B 242 -18.11 24.43 8.62
N GLN B 243 -17.72 24.06 7.41
CA GLN B 243 -16.82 22.89 7.24
C GLN B 243 -15.50 23.12 8.00
N THR B 244 -14.97 24.33 7.90
CA THR B 244 -13.76 24.72 8.62
C THR B 244 -13.90 24.55 10.13
N GLU B 245 -15.03 24.99 10.70
CA GLU B 245 -15.28 24.83 12.13
C GLU B 245 -15.43 23.34 12.54
N CYS B 246 -16.16 22.56 11.74
CA CYS B 246 -16.16 21.10 11.90
C CYS B 246 -14.75 20.49 11.90
N ASN B 247 -13.87 20.96 11.03
CA ASN B 247 -12.55 20.37 10.89
C ASN B 247 -11.62 20.78 12.02
N LYS B 248 -11.81 21.98 12.56
CA LYS B 248 -11.09 22.37 13.79
C LYS B 248 -11.45 21.36 14.88
N VAL B 249 -12.73 21.00 14.97
CA VAL B 249 -13.15 20.01 15.95
C VAL B 249 -12.56 18.62 15.63
N ILE B 250 -12.59 18.25 14.34
CA ILE B 250 -12.07 16.94 13.92
C ILE B 250 -10.54 16.80 14.10
N ASP B 251 -9.77 17.86 13.82
CA ASP B 251 -8.35 17.87 14.25
C ASP B 251 -8.17 17.38 15.69
N LEU B 252 -8.94 17.94 16.62
CA LEU B 252 -8.77 17.63 18.05
C LEU B 252 -9.19 16.19 18.36
N LEU B 253 -10.32 15.78 17.81
CA LEU B 253 -10.81 14.44 18.03
C LEU B 253 -9.84 13.40 17.51
N ILE B 254 -9.23 13.64 16.35
CA ILE B 254 -8.23 12.69 15.84
C ILE B 254 -7.04 12.60 16.82
N LYS B 255 -6.70 13.73 17.45
CA LYS B 255 -5.64 13.76 18.47
C LYS B 255 -6.03 12.96 19.73
N THR B 256 -7.28 13.11 20.18
CA THR B 256 -7.69 12.46 21.42
C THR B 256 -8.12 11.01 21.21
N GLY B 257 -8.40 10.64 19.98
CA GLY B 257 -9.17 9.41 19.70
C GLY B 257 -10.61 9.85 19.51
N VAL B 258 -11.17 9.53 18.34
CA VAL B 258 -12.46 10.06 17.92
C VAL B 258 -13.64 9.60 18.77
N PHE B 259 -13.84 8.29 18.95
CA PHE B 259 -14.99 7.84 19.72
C PHE B 259 -14.92 8.33 21.18
N ARG B 260 -13.79 8.14 21.85
CA ARG B 260 -13.70 8.51 23.26
C ARG B 260 -13.73 10.04 23.49
N GLY B 261 -13.24 10.80 22.52
CA GLY B 261 -13.29 12.25 22.55
C GLY B 261 -14.70 12.75 22.43
N LEU B 262 -15.45 12.18 21.49
CA LEU B 262 -16.85 12.49 21.35
C LEU B 262 -17.62 12.18 22.65
N LYS B 263 -17.37 11.01 23.23
CA LYS B 263 -18.06 10.61 24.47
C LYS B 263 -17.74 11.52 25.64
N THR B 264 -16.50 12.02 25.67
CA THR B 264 -16.04 12.94 26.71
C THR B 264 -16.69 14.31 26.57
N VAL B 265 -16.83 14.80 25.33
CA VAL B 265 -17.57 16.05 25.10
C VAL B 265 -19.01 15.88 25.56
N LEU B 266 -19.64 14.76 25.18
CA LEU B 266 -21.01 14.46 25.61
C LEU B 266 -21.15 14.35 27.14
N HIS B 267 -20.09 13.92 27.80
CA HIS B 267 -20.05 13.85 29.26
C HIS B 267 -20.09 15.23 29.91
N TYR B 268 -19.38 16.19 29.32
CA TYR B 268 -19.44 17.59 29.77
C TYR B 268 -20.71 18.29 29.32
N MET B 269 -21.42 17.72 28.35
CA MET B 269 -22.72 18.21 27.90
CA MET B 269 -22.70 18.28 27.95
C MET B 269 -23.84 17.61 28.73
N ASP B 270 -23.48 16.91 29.81
CA ASP B 270 -24.41 16.21 30.70
C ASP B 270 -25.27 15.15 30.01
N VAL B 271 -24.79 14.55 28.93
CA VAL B 271 -25.51 13.47 28.26
C VAL B 271 -25.00 12.08 28.64
N VAL B 272 -23.68 11.90 28.67
CA VAL B 272 -23.06 10.57 28.92
C VAL B 272 -22.42 10.48 30.31
N SER B 273 -22.85 9.51 31.13
CA SER B 273 -22.33 9.40 32.51
C SER B 273 -20.85 9.08 32.61
N VAL B 274 -20.41 8.06 31.86
CA VAL B 274 -19.02 7.62 31.87
C VAL B 274 -18.53 7.55 30.41
N PRO B 275 -17.48 8.32 30.05
CA PRO B 275 -17.12 8.48 28.63
C PRO B 275 -16.17 7.41 28.08
N LEU B 276 -16.21 6.20 28.61
CA LEU B 276 -15.24 5.17 28.24
C LEU B 276 -15.70 4.39 27.00
N CYS B 277 -14.74 3.99 26.17
CA CYS B 277 -14.98 2.99 25.09
C CYS B 277 -14.63 1.60 25.63
N ARG B 278 -14.93 0.54 24.88
CA ARG B 278 -14.55 -0.79 25.34
C ARG B 278 -13.11 -1.14 25.05
N LYS B 279 -12.47 -1.83 26.00
CA LYS B 279 -11.12 -2.37 25.78
C LYS B 279 -11.17 -3.20 24.48
N PRO B 280 -10.12 -3.14 23.66
CA PRO B 280 -8.82 -2.53 23.96
C PRO B 280 -8.68 -1.00 23.79
N PHE B 281 -9.75 -0.25 23.49
CA PHE B 281 -9.65 1.22 23.56
C PHE B 281 -9.26 1.60 25.00
N GLY B 282 -8.24 2.43 25.14
CA GLY B 282 -7.86 2.99 26.43
C GLY B 282 -8.58 4.30 26.67
N PRO B 283 -8.23 4.98 27.78
CA PRO B 283 -8.92 6.24 28.10
C PRO B 283 -8.34 7.45 27.35
N VAL B 284 -8.97 8.60 27.51
CA VAL B 284 -8.44 9.84 26.98
C VAL B 284 -7.24 10.28 27.81
N ASP B 285 -6.17 10.73 27.17
CA ASP B 285 -5.04 11.30 27.89
C ASP B 285 -5.47 12.56 28.66
N GLU B 286 -5.12 12.60 29.95
CA GLU B 286 -5.58 13.65 30.88
C GLU B 286 -5.31 15.07 30.39
N LYS B 287 -4.23 15.26 29.63
CA LYS B 287 -3.86 16.58 29.15
C LYS B 287 -4.88 17.21 28.20
N TYR B 288 -5.72 16.39 27.56
CA TYR B 288 -6.71 16.89 26.58
C TYR B 288 -8.05 17.30 27.20
N LEU B 289 -8.29 16.98 28.46
CA LEU B 289 -9.57 17.28 29.09
C LEU B 289 -9.93 18.80 29.16
N PRO B 290 -8.92 19.67 29.34
CA PRO B 290 -9.22 21.12 29.26
C PRO B 290 -9.78 21.50 27.87
N GLU B 291 -9.08 21.08 26.82
CA GLU B 291 -9.51 21.33 25.45
C GLU B 291 -10.91 20.79 25.14
N LEU B 292 -11.20 19.56 25.59
CA LEU B 292 -12.51 18.96 25.36
C LEU B 292 -13.59 19.64 26.20
N LYS B 293 -13.22 20.07 27.41
CA LYS B 293 -14.15 20.80 28.27
C LYS B 293 -14.48 22.14 27.61
N ALA B 294 -13.45 22.84 27.14
CA ALA B 294 -13.66 24.08 26.35
C ALA B 294 -14.67 23.84 25.23
N LEU B 295 -14.45 22.78 24.46
CA LEU B 295 -15.28 22.47 23.30
C LEU B 295 -16.73 22.26 23.68
N ALA B 296 -16.94 21.55 24.78
CA ALA B 296 -18.27 21.30 25.33
C ALA B 296 -19.03 22.60 25.57
N GLN B 297 -18.38 23.49 26.30
CA GLN B 297 -18.89 24.84 26.61
C GLN B 297 -19.26 25.62 25.35
N GLN B 298 -18.37 25.64 24.37
CA GLN B 298 -18.61 26.38 23.13
C GLN B 298 -19.88 25.88 22.41
N LEU B 299 -19.99 24.56 22.26
CA LEU B 299 -21.13 23.98 21.54
C LEU B 299 -22.45 24.18 22.29
N MET B 300 -22.38 24.24 23.62
CA MET B 300 -23.56 24.55 24.44
C MET B 300 -23.93 26.04 24.33
N GLN B 301 -22.92 26.93 24.31
CA GLN B 301 -23.16 28.37 24.05
C GLN B 301 -23.94 28.44 22.74
N GLU B 302 -23.33 27.87 21.69
CA GLU B 302 -23.96 27.78 20.38
C GLU B 302 -25.34 27.15 20.63
N ARG B 303 -26.33 27.44 19.79
CA ARG B 303 -27.72 27.02 20.04
C ARG B 303 -28.30 27.55 21.37
N ALA C 9 7.91 -22.32 27.91
CA ALA C 9 7.96 -21.88 26.49
C ALA C 9 8.77 -22.86 25.62
N THR C 10 9.91 -23.31 26.13
CA THR C 10 10.82 -24.16 25.35
C THR C 10 10.20 -25.45 24.78
N ASN C 11 9.32 -26.06 25.56
CA ASN C 11 8.53 -27.23 25.11
C ASN C 11 7.52 -26.90 24.01
N LEU C 12 7.35 -25.62 23.68
CA LEU C 12 6.43 -25.20 22.62
C LEU C 12 7.07 -25.18 21.22
N ARG C 13 8.38 -25.42 21.16
CA ARG C 13 9.09 -25.49 19.90
C ARG C 13 8.55 -26.67 19.09
N GLY C 14 8.34 -26.47 17.79
CA GLY C 14 7.86 -27.56 16.94
C GLY C 14 7.02 -27.19 15.74
N VAL C 15 6.53 -28.22 15.08
CA VAL C 15 5.66 -28.06 13.91
C VAL C 15 4.20 -28.31 14.33
N MET C 16 3.41 -27.24 14.38
CA MET C 16 2.03 -27.24 14.92
C MET C 16 0.98 -26.97 13.84
N ALA C 17 0.07 -27.90 13.57
CA ALA C 17 -0.96 -27.64 12.56
C ALA C 17 -2.02 -26.66 13.09
N ALA C 18 -2.31 -25.63 12.29
CA ALA C 18 -3.44 -24.73 12.53
C ALA C 18 -4.70 -25.48 12.14
N LEU C 19 -5.42 -25.97 13.14
CA LEU C 19 -6.54 -26.87 12.95
C LEU C 19 -7.72 -26.21 12.23
N LEU C 20 -8.28 -26.92 11.27
CA LEU C 20 -9.48 -26.47 10.59
C LEU C 20 -10.68 -26.86 11.45
N THR C 21 -11.75 -26.08 11.37
CA THR C 21 -12.98 -26.37 12.10
C THR C 21 -14.04 -26.92 11.13
N PRO C 22 -14.34 -28.24 11.18
CA PRO C 22 -15.37 -28.76 10.27
C PRO C 22 -16.80 -28.35 10.54
N PHE C 23 -17.54 -28.07 9.48
CA PHE C 23 -18.98 -27.78 9.55
C PHE C 23 -19.78 -28.75 8.68
N ASP C 24 -21.09 -28.79 8.89
CA ASP C 24 -22.02 -29.61 8.11
C ASP C 24 -22.74 -28.77 7.07
N GLN C 25 -23.60 -29.41 6.27
CA GLN C 25 -24.34 -28.69 5.22
C GLN C 25 -25.36 -27.68 5.76
N GLN C 26 -25.68 -27.78 7.05
CA GLN C 26 -26.45 -26.75 7.74
C GLN C 26 -25.62 -25.59 8.31
N GLN C 27 -24.29 -25.66 8.20
CA GLN C 27 -23.33 -24.68 8.74
CA GLN C 27 -23.38 -24.62 8.77
C GLN C 27 -23.10 -24.85 10.25
N ALA C 28 -23.63 -25.94 10.81
CA ALA C 28 -23.42 -26.25 12.21
C ALA C 28 -22.05 -26.87 12.35
N LEU C 29 -21.50 -26.82 13.55
CA LEU C 29 -20.28 -27.54 13.87
C LEU C 29 -20.47 -29.05 13.61
N ASP C 30 -19.48 -29.66 12.98
CA ASP C 30 -19.46 -31.12 12.80
C ASP C 30 -18.44 -31.70 13.78
N LYS C 31 -18.92 -32.16 14.93
CA LYS C 31 -18.03 -32.62 16.01
C LYS C 31 -17.37 -33.98 15.70
N ALA C 32 -18.09 -34.86 15.00
CA ALA C 32 -17.52 -36.16 14.63
C ALA C 32 -16.33 -35.99 13.69
N SER C 33 -16.42 -35.10 12.70
CA SER C 33 -15.28 -34.83 11.82
C SER C 33 -14.14 -34.08 12.57
N LEU C 34 -14.46 -33.19 13.50
CA LEU C 34 -13.43 -32.57 14.33
C LEU C 34 -12.59 -33.61 15.08
N ARG C 35 -13.24 -34.53 15.76
CA ARG C 35 -12.53 -35.59 16.48
C ARG C 35 -11.59 -36.36 15.54
N ARG C 36 -12.12 -36.77 14.39
CA ARG C 36 -11.34 -37.43 13.36
C ARG C 36 -10.17 -36.62 12.81
N LEU C 37 -10.36 -35.31 12.62
CA LEU C 37 -9.28 -34.46 12.15
C LEU C 37 -8.19 -34.39 13.21
N VAL C 38 -8.59 -34.35 14.48
CA VAL C 38 -7.63 -34.26 15.56
C VAL C 38 -6.77 -35.55 15.58
N GLN C 39 -7.42 -36.70 15.48
CA GLN C 39 -6.69 -37.98 15.50
C GLN C 39 -5.78 -38.15 14.28
N PHE C 40 -6.27 -37.75 13.11
CA PHE C 40 -5.50 -37.75 11.87
C PHE C 40 -4.19 -36.95 11.96
N ASN C 41 -4.27 -35.74 12.50
CA ASN C 41 -3.06 -34.93 12.70
C ASN C 41 -2.05 -35.62 13.60
N ILE C 42 -2.54 -36.21 14.69
CA ILE C 42 -1.71 -36.92 15.65
C ILE C 42 -0.96 -38.10 14.97
N GLN C 43 -1.67 -38.86 14.15
CA GLN C 43 -1.10 -39.98 13.40
C GLN C 43 -0.04 -39.57 12.37
N GLN C 44 -0.11 -38.35 11.86
CA GLN C 44 0.92 -37.85 10.93
C GLN C 44 2.22 -37.47 11.66
N GLY C 45 2.21 -37.55 12.98
CA GLY C 45 3.40 -37.20 13.76
C GLY C 45 3.61 -35.70 13.92
N ILE C 46 2.51 -34.97 14.05
CA ILE C 46 2.55 -33.53 14.34
C ILE C 46 2.96 -33.30 15.80
N ASP C 47 3.63 -32.20 16.09
CA ASP C 47 4.06 -31.87 17.46
C ASP C 47 2.93 -31.27 18.31
N GLY C 48 1.96 -30.64 17.66
CA GLY C 48 0.89 -29.93 18.38
C GLY C 48 -0.17 -29.37 17.47
N LEU C 49 -1.22 -28.80 18.08
CA LEU C 49 -2.32 -28.19 17.35
C LEU C 49 -2.56 -26.77 17.84
N TYR C 50 -2.79 -25.90 16.87
CA TYR C 50 -3.16 -24.49 17.09
C TYR C 50 -4.64 -24.37 16.75
N VAL C 51 -5.45 -24.17 17.77
CA VAL C 51 -6.89 -24.36 17.70
C VAL C 51 -7.64 -23.03 17.76
N GLY C 52 -8.62 -22.87 16.88
CA GLY C 52 -9.46 -21.69 16.83
C GLY C 52 -8.76 -20.47 16.28
N GLY C 53 -7.79 -20.69 15.38
CA GLY C 53 -7.05 -19.62 14.75
C GLY C 53 -7.78 -19.09 13.53
N SER C 54 -7.06 -18.35 12.69
CA SER C 54 -7.62 -17.81 11.47
C SER C 54 -8.03 -18.99 10.60
N THR C 55 -7.16 -19.98 10.54
CA THR C 55 -7.43 -21.22 9.79
C THR C 55 -8.65 -21.95 10.34
N GLY C 56 -8.85 -21.85 11.64
CA GLY C 56 -10.02 -22.43 12.26
C GLY C 56 -11.33 -21.70 12.07
N GLU C 57 -11.33 -20.65 11.24
CA GLU C 57 -12.52 -19.81 10.99
C GLU C 57 -13.10 -19.23 12.26
N ALA C 58 -12.20 -18.85 13.18
CA ALA C 58 -12.58 -18.27 14.45
C ALA C 58 -13.56 -17.13 14.31
N PHE C 59 -13.30 -16.26 13.35
CA PHE C 59 -13.99 -14.98 13.29
C PHE C 59 -15.34 -15.06 12.58
N VAL C 60 -15.79 -16.27 12.25
CA VAL C 60 -17.21 -16.51 11.87
C VAL C 60 -17.90 -17.50 12.83
N GLN C 61 -17.34 -17.60 14.05
CA GLN C 61 -17.95 -18.40 15.12
C GLN C 61 -18.26 -17.56 16.36
N SER C 62 -19.27 -17.99 17.10
CA SER C 62 -19.55 -17.42 18.41
C SER C 62 -18.48 -17.87 19.43
N LEU C 63 -18.40 -17.14 20.55
CA LEU C 63 -17.50 -17.55 21.63
C LEU C 63 -17.85 -18.96 22.11
N SER C 64 -19.15 -19.24 22.24
CA SER C 64 -19.63 -20.56 22.67
C SER C 64 -19.17 -21.66 21.71
N GLU C 65 -19.30 -21.39 20.41
CA GLU C 65 -18.83 -22.33 19.40
C GLU C 65 -17.29 -22.55 19.50
N ARG C 66 -16.55 -21.47 19.72
CA ARG C 66 -15.10 -21.60 19.89
C ARG C 66 -14.73 -22.46 21.10
N GLU C 67 -15.44 -22.25 22.21
CA GLU C 67 -15.21 -23.01 23.43
C GLU C 67 -15.51 -24.48 23.24
N GLN C 68 -16.64 -24.81 22.61
CA GLN C 68 -16.97 -26.21 22.33
C GLN C 68 -15.83 -26.90 21.56
N VAL C 69 -15.25 -26.20 20.58
CA VAL C 69 -14.17 -26.78 19.77
C VAL C 69 -12.94 -26.98 20.66
N LEU C 70 -12.57 -25.93 21.41
CA LEU C 70 -11.43 -26.05 22.33
C LEU C 70 -11.59 -27.25 23.28
N GLU C 71 -12.77 -27.38 23.85
CA GLU C 71 -13.05 -28.49 24.78
C GLU C 71 -12.85 -29.86 24.16
N ILE C 72 -13.38 -30.05 22.95
CA ILE C 72 -13.29 -31.36 22.27
C ILE C 72 -11.87 -31.70 21.85
N VAL C 73 -11.12 -30.71 21.38
CA VAL C 73 -9.74 -30.94 20.97
C VAL C 73 -8.94 -31.42 22.18
N ALA C 74 -9.13 -30.73 23.30
CA ALA C 74 -8.50 -31.09 24.57
C ALA C 74 -8.89 -32.49 25.01
N GLU C 75 -10.16 -32.85 24.88
CA GLU C 75 -10.57 -34.22 25.20
C GLU C 75 -9.79 -35.23 24.37
N GLU C 76 -9.62 -34.94 23.09
CA GLU C 76 -8.97 -35.88 22.15
C GLU C 76 -7.45 -35.95 22.29
N ALA C 77 -6.81 -34.85 22.67
CA ALA C 77 -5.37 -34.71 22.49
C ALA C 77 -4.57 -34.26 23.71
N LYS C 78 -5.21 -33.80 24.77
CA LYS C 78 -4.45 -33.37 25.96
C LYS C 78 -3.46 -34.45 26.40
N GLY C 79 -2.20 -34.08 26.61
CA GLY C 79 -1.19 -35.02 27.08
C GLY C 79 -0.47 -35.80 26.01
N LYS C 80 -1.05 -35.87 24.81
CA LYS C 80 -0.45 -36.60 23.69
C LYS C 80 0.41 -35.69 22.79
N ILE C 81 -0.05 -34.45 22.59
CA ILE C 81 0.67 -33.44 21.80
C ILE C 81 0.46 -32.08 22.47
N LYS C 82 1.19 -31.06 22.04
CA LYS C 82 1.03 -29.72 22.62
C LYS C 82 -0.23 -29.10 22.07
N LEU C 83 -0.89 -28.29 22.89
CA LEU C 83 -2.15 -27.68 22.50
C LEU C 83 -2.09 -26.20 22.83
N ILE C 84 -2.19 -25.39 21.79
CA ILE C 84 -2.24 -23.93 21.88
C ILE C 84 -3.66 -23.51 21.46
N ALA C 85 -4.29 -22.70 22.32
CA ALA C 85 -5.63 -22.23 22.10
C ALA C 85 -5.58 -20.82 21.60
N HIS C 86 -6.02 -20.61 20.35
CA HIS C 86 -6.12 -19.21 19.87
C HIS C 86 -7.39 -18.57 20.42
N VAL C 87 -7.23 -17.56 21.28
CA VAL C 87 -8.34 -17.00 22.04
C VAL C 87 -8.64 -15.57 21.65
N GLY C 88 -7.98 -15.07 20.62
CA GLY C 88 -8.10 -13.69 20.24
C GLY C 88 -9.41 -13.26 19.61
N CYS C 89 -9.93 -12.13 20.10
CA CYS C 89 -11.06 -11.41 19.50
C CYS C 89 -10.65 -9.93 19.40
N VAL C 90 -11.52 -9.11 18.83
CA VAL C 90 -11.27 -7.66 18.82
C VAL C 90 -11.41 -7.17 20.27
N SER C 91 -12.37 -7.71 20.97
CA SER C 91 -12.64 -7.35 22.37
C SER C 91 -11.65 -8.00 23.32
N THR C 92 -11.07 -7.21 24.21
CA THR C 92 -10.29 -7.76 25.32
C THR C 92 -11.12 -8.70 26.20
N ALA C 93 -12.34 -8.28 26.56
CA ALA C 93 -13.18 -9.04 27.48
C ALA C 93 -13.60 -10.38 26.87
N GLU C 94 -13.95 -10.40 25.58
CA GLU C 94 -14.21 -11.65 24.88
C GLU C 94 -12.97 -12.53 24.83
N SER C 95 -11.81 -11.93 24.57
CA SER C 95 -10.56 -12.67 24.58
C SER C 95 -10.26 -13.27 25.93
N GLN C 96 -10.57 -12.53 27.00
CA GLN C 96 -10.37 -13.00 28.36
C GLN C 96 -11.25 -14.20 28.72
N GLN C 97 -12.52 -14.17 28.32
CA GLN C 97 -13.38 -15.33 28.52
C GLN C 97 -12.81 -16.56 27.83
N LEU C 98 -12.31 -16.44 26.60
CA LEU C 98 -11.74 -17.61 25.91
C LEU C 98 -10.43 -18.11 26.57
N ALA C 99 -9.61 -17.17 27.06
CA ALA C 99 -8.40 -17.53 27.79
C ALA C 99 -8.72 -18.38 29.04
N ALA C 100 -9.75 -17.98 29.76
CA ALA C 100 -10.11 -18.65 31.00
C ALA C 100 -10.64 -20.07 30.68
N SER C 101 -11.38 -20.19 29.58
CA SER C 101 -11.86 -21.50 29.14
C SER C 101 -10.73 -22.42 28.71
N ALA C 102 -9.74 -21.89 28.00
CA ALA C 102 -8.53 -22.65 27.61
C ALA C 102 -7.81 -23.24 28.81
N LYS C 103 -7.62 -22.40 29.84
CA LYS C 103 -7.09 -22.80 31.16
C LYS C 103 -7.91 -23.93 31.78
N ARG C 104 -9.22 -23.75 31.85
CA ARG C 104 -10.11 -24.79 32.34
C ARG C 104 -9.99 -26.11 31.55
N TYR C 105 -9.77 -26.05 30.25
CA TYR C 105 -9.67 -27.32 29.45
C TYR C 105 -8.26 -27.93 29.43
N GLY C 106 -7.31 -27.28 30.10
CA GLY C 106 -5.97 -27.84 30.20
C GLY C 106 -5.04 -27.62 29.03
N PHE C 107 -5.24 -26.53 28.29
CA PHE C 107 -4.36 -26.23 27.16
C PHE C 107 -2.96 -25.91 27.67
N ASP C 108 -1.96 -26.04 26.80
CA ASP C 108 -0.56 -25.72 27.17
C ASP C 108 -0.21 -24.26 27.00
N ALA C 109 -0.96 -23.59 26.13
CA ALA C 109 -0.67 -22.20 25.80
C ALA C 109 -1.90 -21.54 25.22
N VAL C 110 -1.92 -20.22 25.31
CA VAL C 110 -2.92 -19.39 24.63
C VAL C 110 -2.26 -18.52 23.57
N SER C 111 -3.09 -17.90 22.74
CA SER C 111 -2.62 -17.10 21.62
C SER C 111 -3.66 -16.06 21.22
N ALA C 112 -3.20 -14.94 20.71
CA ALA C 112 -4.12 -13.92 20.25
C ALA C 112 -3.53 -13.07 19.13
N VAL C 113 -4.33 -12.92 18.08
CA VAL C 113 -4.04 -12.06 16.97
C VAL C 113 -4.13 -10.62 17.49
N THR C 114 -3.32 -9.76 16.89
CA THR C 114 -3.39 -8.34 17.21
C THR C 114 -4.81 -7.87 16.92
N PRO C 115 -5.46 -7.25 17.90
CA PRO C 115 -6.86 -6.92 17.64
C PRO C 115 -6.98 -5.97 16.43
N PHE C 116 -8.02 -6.17 15.62
CA PHE C 116 -8.08 -5.64 14.27
C PHE C 116 -9.31 -4.71 14.06
N TYR C 117 -9.55 -4.34 12.80
CA TYR C 117 -10.60 -3.38 12.36
C TYR C 117 -10.39 -1.94 12.87
N TYR C 118 -10.56 -1.69 14.16
CA TYR C 118 -10.30 -0.35 14.73
C TYR C 118 -8.80 -0.11 14.86
N PRO C 119 -8.34 1.12 14.57
CA PRO C 119 -6.93 1.38 14.90
C PRO C 119 -6.71 1.46 16.40
N PHE C 120 -5.88 0.58 16.94
CA PHE C 120 -5.46 0.69 18.34
C PHE C 120 -3.99 1.07 18.36
N SER C 121 -3.57 1.72 19.45
CA SER C 121 -2.17 2.08 19.62
C SER C 121 -1.37 0.88 20.07
N PHE C 122 -0.05 0.99 20.01
CA PHE C 122 0.81 -0.13 20.40
C PHE C 122 0.63 -0.41 21.88
N GLU C 123 0.47 0.66 22.68
CA GLU C 123 0.28 0.54 24.11
C GLU C 123 -1.04 -0.17 24.43
N GLU C 124 -2.08 0.16 23.68
CA GLU C 124 -3.35 -0.54 23.81
C GLU C 124 -3.22 -2.02 23.43
N HIS C 125 -2.41 -2.33 22.41
CA HIS C 125 -2.09 -3.74 22.07
C HIS C 125 -1.40 -4.46 23.23
N CYS C 126 -0.45 -3.80 23.89
CA CYS C 126 0.25 -4.40 25.03
C CYS C 126 -0.69 -4.67 26.21
N ASP C 127 -1.45 -3.67 26.65
CA ASP C 127 -2.46 -3.88 27.68
C ASP C 127 -3.43 -5.00 27.31
N HIS C 128 -3.74 -5.14 26.03
CA HIS C 128 -4.64 -6.22 25.55
C HIS C 128 -4.00 -7.58 25.86
N TYR C 129 -2.75 -7.76 25.41
CA TYR C 129 -1.95 -8.94 25.75
C TYR C 129 -1.80 -9.16 27.25
N ARG C 130 -1.61 -8.09 28.02
CA ARG C 130 -1.49 -8.21 29.47
C ARG C 130 -2.75 -8.76 30.11
N ALA C 131 -3.91 -8.28 29.67
CA ALA C 131 -5.19 -8.76 30.18
C ALA C 131 -5.39 -10.25 29.87
N ILE C 132 -5.00 -10.67 28.66
CA ILE C 132 -5.29 -12.04 28.25
C ILE C 132 -4.36 -12.95 29.04
N ILE C 133 -3.11 -12.53 29.18
CA ILE C 133 -2.12 -13.26 29.97
C ILE C 133 -2.59 -13.50 31.40
N ASP C 134 -3.25 -12.51 31.99
CA ASP C 134 -3.75 -12.63 33.35
C ASP C 134 -4.88 -13.65 33.47
N SER C 135 -5.87 -13.53 32.56
CA SER C 135 -6.98 -14.48 32.52
C SER C 135 -6.55 -15.90 32.16
N ALA C 136 -5.43 -16.07 31.46
CA ALA C 136 -4.88 -17.42 31.17
C ALA C 136 -4.18 -18.07 32.38
N ASP C 137 -3.85 -17.24 33.38
CA ASP C 137 -3.45 -17.71 34.70
C ASP C 137 -2.36 -18.77 34.68
N GLY C 138 -1.28 -18.50 33.96
CA GLY C 138 -0.10 -19.37 33.98
C GLY C 138 0.24 -20.01 32.65
N LEU C 139 -0.74 -20.11 31.76
CA LEU C 139 -0.47 -20.60 30.40
C LEU C 139 0.36 -19.53 29.70
N PRO C 140 1.46 -19.92 29.02
CA PRO C 140 2.17 -18.93 28.23
C PRO C 140 1.39 -18.44 27.01
N MET C 141 1.73 -17.23 26.60
CA MET C 141 1.07 -16.54 25.51
C MET C 141 1.94 -16.58 24.26
N VAL C 142 1.31 -16.88 23.13
CA VAL C 142 1.93 -16.75 21.83
C VAL C 142 1.37 -15.52 21.12
N VAL C 143 2.20 -14.49 21.05
CA VAL C 143 1.85 -13.28 20.35
C VAL C 143 1.76 -13.62 18.86
N TYR C 144 0.59 -13.37 18.26
CA TYR C 144 0.27 -13.75 16.86
C TYR C 144 0.32 -12.52 15.94
N ASN C 145 1.31 -12.48 15.04
CA ASN C 145 1.52 -11.35 14.11
C ASN C 145 1.19 -11.67 12.62
N ILE C 146 0.15 -11.04 12.06
CA ILE C 146 -0.26 -11.30 10.67
C ILE C 146 -0.73 -10.02 9.96
N PRO C 147 0.21 -9.10 9.65
CA PRO C 147 -0.08 -7.81 9.02
C PRO C 147 -0.99 -7.91 7.77
N ALA C 148 -0.72 -8.88 6.91
CA ALA C 148 -1.50 -9.06 5.67
C ALA C 148 -3.01 -9.07 5.91
N LEU C 149 -3.46 -9.83 6.91
CA LEU C 149 -4.90 -9.89 7.25
C LEU C 149 -5.34 -8.86 8.29
N SER C 150 -4.49 -8.54 9.25
CA SER C 150 -4.92 -7.71 10.40
C SER C 150 -4.77 -6.21 10.16
N GLY C 151 -3.92 -5.83 9.21
CA GLY C 151 -3.60 -4.42 9.00
C GLY C 151 -2.87 -3.75 10.16
N VAL C 152 -2.29 -4.54 11.06
CA VAL C 152 -1.48 -3.96 12.12
C VAL C 152 0.01 -4.07 11.76
N LYS C 153 0.67 -2.91 11.64
CA LYS C 153 2.05 -2.83 11.15
C LYS C 153 3.05 -2.45 12.24
N LEU C 154 3.49 -3.45 12.99
CA LEU C 154 4.45 -3.24 14.09
C LEU C 154 5.86 -3.02 13.59
N THR C 155 6.61 -2.15 14.27
CA THR C 155 8.03 -1.99 14.01
C THR C 155 8.74 -3.09 14.76
N LEU C 156 10.02 -3.28 14.46
CA LEU C 156 10.83 -4.31 15.11
C LEU C 156 10.94 -4.07 16.62
N ASP C 157 11.12 -2.82 17.03
CA ASP C 157 11.21 -2.49 18.46
C ASP C 157 9.89 -2.73 19.20
N GLN C 158 8.79 -2.54 18.49
CA GLN C 158 7.49 -2.89 19.04
C GLN C 158 7.37 -4.42 19.17
N ILE C 159 7.79 -5.16 18.14
CA ILE C 159 7.82 -6.62 18.21
C ILE C 159 8.68 -7.05 19.41
N ASN C 160 9.88 -6.49 19.52
CA ASN C 160 10.79 -6.78 20.65
C ASN C 160 10.15 -6.59 22.01
N THR C 161 9.34 -5.53 22.16
CA THR C 161 8.62 -5.27 23.41
C THR C 161 7.52 -6.27 23.68
N LEU C 162 6.72 -6.57 22.67
CA LEU C 162 5.68 -7.59 22.80
C LEU C 162 6.25 -8.91 23.31
N VAL C 163 7.38 -9.35 22.77
CA VAL C 163 7.89 -10.69 23.11
C VAL C 163 8.55 -10.84 24.49
N THR C 164 8.83 -9.72 25.14
CA THR C 164 9.37 -9.71 26.49
C THR C 164 8.34 -9.23 27.52
N LEU C 165 7.06 -9.15 27.13
CA LEU C 165 6.01 -8.92 28.11
C LEU C 165 5.99 -10.13 29.04
N PRO C 166 5.80 -9.90 30.35
CA PRO C 166 5.72 -11.01 31.29
C PRO C 166 4.65 -12.00 30.84
N GLY C 167 5.05 -13.26 30.71
CA GLY C 167 4.13 -14.33 30.34
C GLY C 167 4.08 -14.67 28.85
N VAL C 168 4.75 -13.88 28.01
CA VAL C 168 4.86 -14.23 26.60
C VAL C 168 5.99 -15.24 26.46
N GLY C 169 5.71 -16.32 25.72
CA GLY C 169 6.73 -17.36 25.51
C GLY C 169 6.95 -17.78 24.06
N ALA C 170 6.34 -17.07 23.11
CA ALA C 170 6.48 -17.42 21.70
C ALA C 170 5.89 -16.36 20.77
N LEU C 171 6.41 -16.28 19.55
CA LEU C 171 5.89 -15.37 18.51
C LEU C 171 5.49 -16.18 17.28
N KPI C 172 4.24 -16.00 16.83
CA KPI C 172 3.80 -16.60 15.55
CB KPI C 172 2.35 -17.09 15.57
CG KPI C 172 1.89 -17.90 14.31
CD KPI C 172 0.39 -18.16 14.29
CE KPI C 172 -0.11 -18.79 12.98
NZ KPI C 172 -1.59 -19.03 12.97
CX1 KPI C 172 -2.28 -19.69 11.99
C1 KPI C 172 -1.60 -20.44 10.86
CX2 KPI C 172 -3.80 -19.66 12.04
O1 KPI C 172 -4.34 -19.00 12.92
O2 KPI C 172 -4.45 -20.20 11.15
C KPI C 172 4.02 -15.54 14.48
O KPI C 172 3.34 -14.52 14.46
N GLN C 173 5.04 -15.76 13.65
CA GLN C 173 5.53 -14.75 12.71
C GLN C 173 4.97 -15.04 11.33
N THR C 174 3.79 -14.48 11.04
CA THR C 174 3.16 -14.66 9.71
C THR C 174 3.52 -13.44 8.91
N SER C 175 4.71 -13.54 8.33
CA SER C 175 5.35 -12.46 7.61
C SER C 175 6.37 -13.12 6.70
N GLY C 176 6.51 -12.57 5.49
CA GLY C 176 7.45 -13.07 4.50
C GLY C 176 8.80 -12.35 4.53
N ASP C 177 8.97 -11.44 5.49
CA ASP C 177 10.19 -10.66 5.65
C ASP C 177 11.21 -11.49 6.44
N LEU C 178 12.06 -12.22 5.72
CA LEU C 178 13.04 -13.09 6.37
C LEU C 178 14.26 -12.33 6.87
N TYR C 179 14.35 -11.03 6.60
CA TYR C 179 15.36 -10.19 7.24
C TYR C 179 14.95 -9.98 8.69
N GLN C 180 13.71 -9.54 8.87
CA GLN C 180 13.13 -9.38 10.18
C GLN C 180 13.18 -10.70 10.96
N MET C 181 12.84 -11.81 10.31
CA MET C 181 12.94 -13.12 10.98
C MET C 181 14.32 -13.27 11.62
N GLU C 182 15.36 -12.93 10.85
CA GLU C 182 16.73 -13.07 11.32
C GLU C 182 17.03 -12.09 12.46
N GLN C 183 16.49 -10.88 12.38
CA GLN C 183 16.73 -9.86 13.41
C GLN C 183 16.09 -10.25 14.73
N ILE C 184 14.95 -10.92 14.65
CA ILE C 184 14.23 -11.38 15.83
C ILE C 184 15.03 -12.52 16.50
N ARG C 185 15.46 -13.48 15.69
CA ARG C 185 16.30 -14.59 16.19
C ARG C 185 17.59 -14.09 16.85
N ARG C 186 18.18 -13.05 16.28
CA ARG C 186 19.44 -12.49 16.76
C ARG C 186 19.26 -11.72 18.07
N GLU C 187 18.11 -11.08 18.24
CA GLU C 187 17.79 -10.32 19.45
C GLU C 187 17.29 -11.21 20.60
N HIS C 188 16.61 -12.31 20.25
CA HIS C 188 16.03 -13.22 21.24
C HIS C 188 16.47 -14.66 20.96
N PRO C 189 17.73 -14.99 21.31
CA PRO C 189 18.32 -16.30 21.01
C PRO C 189 17.52 -17.52 21.44
N ASP C 190 16.68 -17.38 22.48
CA ASP C 190 15.93 -18.49 23.06
C ASP C 190 14.42 -18.48 22.76
N LEU C 191 13.93 -17.44 22.09
CA LEU C 191 12.50 -17.31 21.78
C LEU C 191 11.99 -18.44 20.87
N VAL C 192 10.83 -19.02 21.21
CA VAL C 192 10.13 -19.91 20.30
C VAL C 192 9.55 -19.05 19.19
N LEU C 193 9.95 -19.33 17.94
CA LEU C 193 9.66 -18.47 16.81
C LEU C 193 9.07 -19.27 15.65
N TYR C 194 7.77 -19.16 15.47
CA TYR C 194 7.07 -19.98 14.49
C TYR C 194 6.99 -19.31 13.14
N ASN C 195 7.36 -20.03 12.06
CA ASN C 195 7.14 -19.59 10.67
C ASN C 195 5.66 -19.71 10.33
N GLY C 196 5.04 -18.62 9.90
CA GLY C 196 3.60 -18.60 9.59
C GLY C 196 3.20 -18.83 8.15
N TYR C 197 4.11 -18.55 7.20
CA TYR C 197 3.81 -18.73 5.79
C TYR C 197 4.39 -20.06 5.31
N ASP C 198 3.49 -21.00 5.05
CA ASP C 198 3.85 -22.37 4.72
C ASP C 198 4.76 -22.48 3.52
N ASN C 199 4.59 -21.58 2.56
CA ASN C 199 5.26 -21.67 1.29
C ASN C 199 6.67 -21.10 1.31
N ILE C 200 7.15 -20.65 2.48
CA ILE C 200 8.57 -20.31 2.66
C ILE C 200 9.22 -20.97 3.89
N PHE C 201 8.61 -22.05 4.37
CA PHE C 201 9.01 -22.73 5.60
C PHE C 201 10.51 -23.02 5.68
N ALA C 202 11.07 -23.70 4.66
CA ALA C 202 12.52 -24.02 4.66
C ALA C 202 13.35 -22.77 4.83
N SER C 203 13.02 -21.73 4.07
CA SER C 203 13.77 -20.48 4.13
C SER C 203 13.60 -19.81 5.48
N GLY C 204 12.38 -19.88 6.02
CA GLY C 204 12.10 -19.32 7.35
C GLY C 204 12.92 -19.96 8.45
N LEU C 205 13.03 -21.29 8.39
CA LEU C 205 13.91 -22.04 9.30
C LEU C 205 15.35 -21.55 9.13
N LEU C 206 15.84 -21.47 7.89
CA LEU C 206 17.20 -20.98 7.66
C LEU C 206 17.43 -19.58 8.24
N ALA C 207 16.41 -18.73 8.18
CA ALA C 207 16.59 -17.37 8.65
C ALA C 207 16.57 -17.26 10.18
N GLY C 208 16.00 -18.24 10.86
CA GLY C 208 16.03 -18.26 12.32
C GLY C 208 14.80 -18.83 13.02
N ALA C 209 13.74 -19.17 12.28
CA ALA C 209 12.56 -19.79 12.90
C ALA C 209 12.97 -21.18 13.42
N ASP C 210 12.38 -21.61 14.54
CA ASP C 210 12.66 -22.97 15.08
C ASP C 210 11.46 -23.94 14.97
N GLY C 211 10.54 -23.63 14.07
CA GLY C 211 9.33 -24.44 13.90
C GLY C 211 8.33 -23.64 13.09
N GLY C 212 7.06 -24.03 13.14
CA GLY C 212 6.03 -23.33 12.39
C GLY C 212 4.61 -23.70 12.80
N ILE C 213 3.68 -22.83 12.41
CA ILE C 213 2.24 -23.07 12.53
C ILE C 213 1.59 -22.79 11.17
N GLY C 214 0.84 -23.77 10.66
CA GLY C 214 0.34 -23.66 9.29
C GLY C 214 -0.89 -24.49 8.96
N SER C 215 -1.71 -23.93 8.08
CA SER C 215 -2.95 -24.57 7.65
C SER C 215 -2.70 -25.87 6.85
N THR C 216 -1.64 -25.90 6.05
CA THR C 216 -1.41 -27.01 5.12
C THR C 216 -0.86 -28.24 5.84
N TYR C 217 -0.42 -28.07 7.08
CA TYR C 217 0.10 -29.17 7.88
C TYR C 217 -1.00 -30.20 8.16
N ASN C 218 -2.24 -29.76 8.16
CA ASN C 218 -3.36 -30.68 8.32
C ASN C 218 -3.33 -31.85 7.32
N ILE C 219 -2.76 -31.64 6.12
CA ILE C 219 -2.77 -32.69 5.07
C ILE C 219 -1.38 -33.23 4.67
N MET C 220 -0.31 -32.56 5.07
CA MET C 220 1.04 -33.02 4.74
C MET C 220 2.07 -32.51 5.75
N GLY C 221 1.70 -32.58 7.03
CA GLY C 221 2.57 -32.18 8.13
C GLY C 221 3.87 -32.96 8.22
N TRP C 222 3.87 -34.22 7.79
CA TRP C 222 5.12 -35.00 7.70
C TRP C 222 6.16 -34.41 6.73
N ARG C 223 5.71 -33.76 5.65
CA ARG C 223 6.66 -33.07 4.76
C ARG C 223 7.41 -31.92 5.47
N TYR C 224 6.70 -31.17 6.30
CA TYR C 224 7.31 -30.04 7.03
C TYR C 224 8.27 -30.56 8.09
N GLN C 225 7.94 -31.68 8.72
CA GLN C 225 8.90 -32.27 9.65
C GLN C 225 10.06 -32.95 8.92
N GLY C 226 9.83 -33.46 7.72
CA GLY C 226 10.93 -33.82 6.83
C GLY C 226 11.88 -32.66 6.54
N ILE C 227 11.34 -31.44 6.40
CA ILE C 227 12.18 -30.28 6.14
C ILE C 227 13.06 -29.95 7.36
N VAL C 228 12.48 -29.96 8.57
CA VAL C 228 13.25 -29.72 9.80
C VAL C 228 14.36 -30.80 9.91
N LYS C 229 14.00 -32.06 9.67
CA LYS C 229 14.95 -33.19 9.74
C LYS C 229 16.05 -33.06 8.68
N ALA C 230 15.63 -32.93 7.42
CA ALA C 230 16.56 -32.74 6.31
C ALA C 230 17.52 -31.58 6.58
N LEU C 231 16.99 -30.44 7.02
CA LEU C 231 17.85 -29.29 7.30
C LEU C 231 18.81 -29.59 8.45
N LYS C 232 18.35 -30.26 9.50
CA LYS C 232 19.23 -30.59 10.61
C LYS C 232 20.29 -31.63 10.25
N GLU C 233 19.98 -32.58 9.35
CA GLU C 233 21.00 -33.50 8.83
C GLU C 233 22.01 -32.76 7.91
N GLY C 234 21.64 -31.56 7.43
CA GLY C 234 22.42 -30.82 6.44
C GLY C 234 22.21 -31.32 5.00
N ASP C 235 21.02 -31.88 4.74
CA ASP C 235 20.66 -32.39 3.42
C ASP C 235 19.78 -31.33 2.75
N ILE C 236 20.41 -30.43 2.00
CA ILE C 236 19.71 -29.30 1.37
C ILE C 236 18.81 -29.73 0.21
N GLN C 237 19.29 -30.62 -0.64
CA GLN C 237 18.47 -31.10 -1.76
C GLN C 237 17.12 -31.66 -1.31
N THR C 238 17.11 -32.45 -0.24
CA THR C 238 15.87 -33.04 0.27
C THR C 238 14.97 -31.94 0.88
N ALA C 239 15.56 -31.02 1.64
CA ALA C 239 14.83 -29.85 2.14
C ALA C 239 14.15 -29.12 0.98
N GLN C 240 14.91 -28.77 -0.04
CA GLN C 240 14.38 -28.07 -1.22
C GLN C 240 13.32 -28.86 -1.96
N LYS C 241 13.56 -30.15 -2.17
CA LYS C 241 12.59 -31.01 -2.87
C LYS C 241 11.25 -31.05 -2.14
N LEU C 242 11.33 -31.11 -0.82
CA LEU C 242 10.12 -31.14 0.02
C LEU C 242 9.42 -29.78 -0.04
N GLN C 243 10.15 -28.68 0.17
CA GLN C 243 9.52 -27.35 0.02
C GLN C 243 8.82 -27.20 -1.35
N THR C 244 9.50 -27.64 -2.40
CA THR C 244 8.98 -27.55 -3.77
C THR C 244 7.66 -28.33 -3.90
N GLU C 245 7.58 -29.50 -3.28
CA GLU C 245 6.36 -30.31 -3.34
C GLU C 245 5.26 -29.63 -2.52
N CYS C 246 5.62 -29.09 -1.36
CA CYS C 246 4.65 -28.28 -0.58
C CYS C 246 4.10 -27.12 -1.44
N ASN C 247 4.98 -26.44 -2.18
CA ASN C 247 4.54 -25.27 -2.97
C ASN C 247 3.70 -25.63 -4.20
N LYS C 248 3.98 -26.78 -4.81
CA LYS C 248 3.08 -27.34 -5.84
C LYS C 248 1.65 -27.49 -5.31
N VAL C 249 1.53 -28.03 -4.10
CA VAL C 249 0.21 -28.12 -3.42
C VAL C 249 -0.36 -26.74 -3.07
N ILE C 250 0.47 -25.87 -2.52
CA ILE C 250 -0.01 -24.54 -2.14
C ILE C 250 -0.55 -23.73 -3.34
N ASP C 251 0.12 -23.83 -4.50
CA ASP C 251 -0.37 -23.21 -5.74
C ASP C 251 -1.81 -23.59 -6.02
N LEU C 252 -2.11 -24.88 -5.93
CA LEU C 252 -3.47 -25.40 -6.21
C LEU C 252 -4.45 -24.88 -5.16
N LEU C 253 -4.04 -24.89 -3.89
CA LEU C 253 -4.92 -24.47 -2.80
C LEU C 253 -5.26 -22.99 -2.89
N ILE C 254 -4.32 -22.16 -3.36
CA ILE C 254 -4.61 -20.73 -3.57
C ILE C 254 -5.56 -20.55 -4.76
N LYS C 255 -5.45 -21.40 -5.77
CA LYS C 255 -6.43 -21.34 -6.86
C LYS C 255 -7.84 -21.71 -6.35
N THR C 256 -7.95 -22.74 -5.51
CA THR C 256 -9.26 -23.24 -5.09
C THR C 256 -9.87 -22.45 -3.91
N GLY C 257 -9.02 -21.77 -3.16
CA GLY C 257 -9.39 -21.23 -1.85
C GLY C 257 -8.75 -22.18 -0.85
N VAL C 258 -7.96 -21.64 0.07
CA VAL C 258 -7.10 -22.49 0.87
C VAL C 258 -7.85 -23.39 1.87
N PHE C 259 -8.72 -22.80 2.69
CA PHE C 259 -9.38 -23.56 3.74
C PHE C 259 -10.33 -24.60 3.16
N ARG C 260 -11.11 -24.19 2.18
CA ARG C 260 -12.09 -25.11 1.57
C ARG C 260 -11.37 -26.16 0.73
N GLY C 261 -10.21 -25.82 0.18
CA GLY C 261 -9.42 -26.81 -0.54
C GLY C 261 -8.85 -27.84 0.39
N LEU C 262 -8.30 -27.38 1.51
CA LEU C 262 -7.75 -28.29 2.50
C LEU C 262 -8.85 -29.20 3.05
N LYS C 263 -10.03 -28.64 3.32
CA LYS C 263 -11.14 -29.44 3.80
C LYS C 263 -11.58 -30.48 2.74
N THR C 264 -11.50 -30.11 1.48
CA THR C 264 -11.86 -31.02 0.40
C THR C 264 -10.89 -32.18 0.26
N VAL C 265 -9.59 -31.93 0.40
CA VAL C 265 -8.62 -33.03 0.41
C VAL C 265 -8.95 -33.98 1.55
N LEU C 266 -9.16 -33.41 2.74
CA LEU C 266 -9.51 -34.17 3.93
C LEU C 266 -10.82 -34.99 3.78
N HIS C 267 -11.75 -34.48 2.98
CA HIS C 267 -12.98 -35.20 2.62
C HIS C 267 -12.67 -36.46 1.81
N TYR C 268 -11.73 -36.38 0.87
CA TYR C 268 -11.38 -37.53 0.04
C TYR C 268 -10.47 -38.49 0.78
N MET C 269 -9.78 -38.00 1.81
CA MET C 269 -8.99 -38.83 2.70
C MET C 269 -9.86 -39.44 3.81
N ASP C 270 -11.19 -39.30 3.69
CA ASP C 270 -12.17 -39.94 4.60
C ASP C 270 -12.14 -39.40 6.04
N VAL C 271 -11.82 -38.13 6.23
CA VAL C 271 -11.73 -37.53 7.57
C VAL C 271 -12.89 -36.55 7.84
N VAL C 272 -13.14 -35.63 6.91
CA VAL C 272 -14.14 -34.57 7.04
C VAL C 272 -15.35 -34.94 6.19
N SER C 273 -16.54 -35.01 6.78
CA SER C 273 -17.74 -35.41 6.08
C SER C 273 -18.21 -34.44 5.01
N VAL C 274 -18.21 -33.16 5.35
CA VAL C 274 -18.65 -32.13 4.41
C VAL C 274 -17.60 -31.01 4.38
N PRO C 275 -17.02 -30.71 3.19
CA PRO C 275 -15.85 -29.80 3.19
C PRO C 275 -16.20 -28.30 3.08
N LEU C 276 -17.23 -27.84 3.79
CA LEU C 276 -17.67 -26.45 3.72
C LEU C 276 -16.98 -25.57 4.77
N CYS C 277 -16.75 -24.32 4.37
CA CYS C 277 -16.42 -23.22 5.28
C CYS C 277 -17.71 -22.43 5.51
N ARG C 278 -17.79 -21.70 6.60
CA ARG C 278 -19.00 -20.90 6.81
C ARG C 278 -19.15 -19.73 5.82
N LYS C 279 -20.39 -19.35 5.55
CA LYS C 279 -20.73 -18.17 4.77
C LYS C 279 -20.21 -16.90 5.48
N PRO C 280 -19.68 -15.94 4.69
CA PRO C 280 -19.77 -15.82 3.22
C PRO C 280 -18.78 -16.56 2.34
N PHE C 281 -17.89 -17.37 2.88
CA PHE C 281 -17.13 -18.30 2.03
C PHE C 281 -18.16 -19.11 1.22
N GLY C 282 -17.87 -19.33 -0.06
CA GLY C 282 -18.69 -20.23 -0.87
C GLY C 282 -18.00 -21.57 -1.07
N PRO C 283 -18.64 -22.48 -1.80
CA PRO C 283 -18.07 -23.81 -2.01
C PRO C 283 -16.92 -23.81 -3.01
N VAL C 284 -16.14 -24.88 -3.02
CA VAL C 284 -15.11 -25.05 -4.04
C VAL C 284 -15.75 -25.07 -5.44
N ASP C 285 -15.06 -24.52 -6.43
CA ASP C 285 -15.50 -24.64 -7.81
C ASP C 285 -15.35 -26.11 -8.20
N GLU C 286 -16.42 -26.71 -8.71
CA GLU C 286 -16.46 -28.17 -8.89
C GLU C 286 -15.51 -28.68 -9.98
N LYS C 287 -15.08 -27.78 -10.88
CA LYS C 287 -14.05 -28.13 -11.87
C LYS C 287 -12.69 -28.45 -11.25
N TYR C 288 -12.48 -28.11 -9.97
CA TYR C 288 -11.20 -28.37 -9.29
C TYR C 288 -11.20 -29.70 -8.53
N LEU C 289 -12.32 -30.42 -8.55
CA LEU C 289 -12.46 -31.64 -7.77
C LEU C 289 -11.52 -32.78 -8.20
N PRO C 290 -11.29 -32.94 -9.52
CA PRO C 290 -10.31 -34.00 -9.91
C PRO C 290 -8.90 -33.78 -9.36
N GLU C 291 -8.34 -32.59 -9.58
CA GLU C 291 -7.04 -32.21 -9.01
C GLU C 291 -6.99 -32.49 -7.51
N LEU C 292 -8.05 -32.07 -6.80
CA LEU C 292 -8.11 -32.23 -5.34
C LEU C 292 -8.22 -33.71 -4.94
N LYS C 293 -9.03 -34.48 -5.67
CA LYS C 293 -9.13 -35.94 -5.40
C LYS C 293 -7.79 -36.65 -5.66
N ALA C 294 -7.19 -36.36 -6.82
CA ALA C 294 -5.88 -36.92 -7.17
C ALA C 294 -4.83 -36.59 -6.11
N LEU C 295 -4.84 -35.36 -5.60
CA LEU C 295 -3.86 -34.95 -4.57
C LEU C 295 -4.10 -35.78 -3.33
N ALA C 296 -5.36 -36.01 -3.02
CA ALA C 296 -5.72 -36.86 -1.88
C ALA C 296 -5.08 -38.25 -1.99
N GLN C 297 -5.29 -38.89 -3.14
CA GLN C 297 -4.69 -40.20 -3.44
C GLN C 297 -3.17 -40.14 -3.40
N GLN C 298 -2.58 -39.17 -4.10
CA GLN C 298 -1.13 -38.96 -4.05
C GLN C 298 -0.63 -38.97 -2.60
N LEU C 299 -1.19 -38.09 -1.78
CA LEU C 299 -0.76 -37.96 -0.36
C LEU C 299 -1.04 -39.19 0.50
N MET C 300 -2.17 -39.86 0.26
CA MET C 300 -2.50 -41.10 0.98
C MET C 300 -1.49 -42.23 0.67
N GLN C 301 -1.10 -42.38 -0.60
CA GLN C 301 -0.11 -43.40 -0.97
C GLN C 301 1.30 -43.01 -0.52
N GLU C 302 1.54 -41.71 -0.37
CA GLU C 302 2.88 -41.20 -0.05
C GLU C 302 3.34 -41.55 1.37
N ARG C 303 2.44 -41.45 2.35
CA ARG C 303 2.79 -41.65 3.75
C ARG C 303 2.22 -42.97 4.26
N ALA D 9 2.98 35.56 -3.20
CA ALA D 9 3.03 35.44 -4.68
C ALA D 9 1.62 35.49 -5.30
N THR D 10 0.73 36.27 -4.68
CA THR D 10 -0.67 36.50 -5.14
C THR D 10 -0.88 36.51 -6.67
N ASN D 11 0.10 37.05 -7.40
CA ASN D 11 0.02 37.13 -8.86
C ASN D 11 0.05 35.76 -9.59
N LEU D 12 0.40 34.68 -8.88
CA LEU D 12 0.45 33.33 -9.45
C LEU D 12 -0.88 32.52 -9.34
N ARG D 13 -1.87 33.08 -8.66
CA ARG D 13 -3.15 32.41 -8.45
C ARG D 13 -3.86 32.21 -9.80
N GLY D 14 -4.38 31.00 -10.04
CA GLY D 14 -5.27 30.77 -11.18
C GLY D 14 -5.30 29.37 -11.78
N VAL D 15 -5.87 29.30 -12.99
CA VAL D 15 -6.01 28.06 -13.76
C VAL D 15 -4.89 27.95 -14.82
N MET D 16 -3.90 27.13 -14.55
CA MET D 16 -2.74 26.96 -15.45
C MET D 16 -2.76 25.62 -16.18
N ALA D 17 -2.72 25.63 -17.50
CA ALA D 17 -2.60 24.35 -18.23
C ALA D 17 -1.21 23.73 -18.05
N ALA D 18 -1.17 22.43 -17.77
CA ALA D 18 0.08 21.69 -17.74
C ALA D 18 0.40 21.28 -19.17
N LEU D 19 1.30 22.04 -19.80
CA LEU D 19 1.55 21.96 -21.22
C LEU D 19 2.09 20.60 -21.64
N LEU D 20 1.52 20.06 -22.71
CA LEU D 20 2.02 18.85 -23.35
C LEU D 20 3.23 19.19 -24.25
N THR D 21 4.16 18.27 -24.41
CA THR D 21 5.29 18.47 -25.31
C THR D 21 5.01 17.64 -26.59
N PRO D 22 4.73 18.31 -27.74
CA PRO D 22 4.50 17.54 -29.00
C PRO D 22 5.75 16.91 -29.59
N PHE D 23 5.58 15.71 -30.16
CA PHE D 23 6.67 15.01 -30.82
C PHE D 23 6.30 14.56 -32.26
N ASP D 24 7.29 14.23 -33.08
CA ASP D 24 7.00 13.75 -34.43
C ASP D 24 7.17 12.23 -34.44
N GLN D 25 6.87 11.59 -35.56
CA GLN D 25 6.95 10.12 -35.65
C GLN D 25 8.36 9.59 -35.51
N GLN D 26 9.36 10.45 -35.68
CA GLN D 26 10.75 10.08 -35.31
C GLN D 26 11.03 10.24 -33.78
N GLN D 27 10.03 10.71 -33.00
CA GLN D 27 10.16 10.97 -31.54
C GLN D 27 10.96 12.26 -31.16
N ALA D 28 11.36 13.03 -32.17
CA ALA D 28 11.99 14.32 -31.92
C ALA D 28 10.93 15.36 -31.53
N LEU D 29 11.38 16.41 -30.86
CA LEU D 29 10.53 17.54 -30.57
C LEU D 29 9.87 18.08 -31.86
N ASP D 30 8.59 18.45 -31.78
CA ASP D 30 7.86 19.13 -32.84
C ASP D 30 7.60 20.56 -32.39
N LYS D 31 8.45 21.47 -32.84
CA LYS D 31 8.49 22.85 -32.37
C LYS D 31 7.37 23.67 -32.97
N ALA D 32 6.95 23.32 -34.20
CA ALA D 32 5.84 24.02 -34.84
C ALA D 32 4.51 23.71 -34.13
N SER D 33 4.28 22.45 -33.76
CA SER D 33 3.11 22.11 -32.93
C SER D 33 3.19 22.68 -31.50
N LEU D 34 4.38 22.73 -30.92
CA LEU D 34 4.54 23.38 -29.61
C LEU D 34 4.07 24.85 -29.65
N ARG D 35 4.54 25.60 -30.62
CA ARG D 35 4.14 27.00 -30.79
CA ARG D 35 4.14 27.00 -30.79
C ARG D 35 2.63 27.12 -30.98
N ARG D 36 2.07 26.29 -31.83
CA ARG D 36 0.63 26.25 -32.05
C ARG D 36 -0.17 25.87 -30.80
N LEU D 37 0.32 24.89 -30.02
CA LEU D 37 -0.35 24.52 -28.77
C LEU D 37 -0.28 25.67 -27.75
N VAL D 38 0.83 26.41 -27.70
CA VAL D 38 0.89 27.57 -26.80
C VAL D 38 -0.18 28.63 -27.13
N GLN D 39 -0.25 29.04 -28.40
CA GLN D 39 -1.20 30.07 -28.83
C GLN D 39 -2.64 29.61 -28.59
N PHE D 40 -2.88 28.33 -28.84
CA PHE D 40 -4.18 27.72 -28.56
C PHE D 40 -4.58 27.83 -27.08
N ASN D 41 -3.64 27.58 -26.17
CA ASN D 41 -3.93 27.77 -24.75
C ASN D 41 -4.21 29.23 -24.44
N ILE D 42 -3.44 30.15 -25.01
CA ILE D 42 -3.63 31.58 -24.77
C ILE D 42 -5.00 32.05 -25.26
N GLN D 43 -5.35 31.67 -26.48
CA GLN D 43 -6.66 32.00 -27.02
C GLN D 43 -7.81 31.41 -26.17
N GLN D 44 -7.60 30.26 -25.53
CA GLN D 44 -8.64 29.67 -24.67
C GLN D 44 -8.99 30.44 -23.39
N GLY D 45 -8.19 31.41 -23.01
CA GLY D 45 -8.45 32.22 -21.82
C GLY D 45 -7.70 31.76 -20.59
N ILE D 46 -6.72 30.87 -20.77
CA ILE D 46 -5.96 30.30 -19.66
C ILE D 46 -5.15 31.41 -18.96
N ASP D 47 -4.83 31.25 -17.67
CA ASP D 47 -4.13 32.26 -16.88
C ASP D 47 -2.60 32.11 -16.97
N GLY D 48 -2.16 30.91 -17.29
CA GLY D 48 -0.74 30.60 -17.42
C GLY D 48 -0.48 29.20 -17.95
N LEU D 49 0.80 28.87 -18.09
CA LEU D 49 1.23 27.55 -18.50
C LEU D 49 2.28 27.05 -17.53
N TYR D 50 2.18 25.76 -17.24
CA TYR D 50 3.09 24.98 -16.42
C TYR D 50 3.83 24.08 -17.40
N VAL D 51 5.12 24.36 -17.58
CA VAL D 51 5.89 23.82 -18.70
C VAL D 51 6.91 22.79 -18.23
N GLY D 52 6.96 21.67 -18.95
CA GLY D 52 7.87 20.57 -18.64
C GLY D 52 7.66 19.85 -17.33
N GLY D 53 6.39 19.72 -16.94
CA GLY D 53 6.00 18.89 -15.81
C GLY D 53 5.79 17.45 -16.22
N SER D 54 5.04 16.70 -15.40
CA SER D 54 4.73 15.30 -15.69
C SER D 54 4.01 15.18 -17.00
N THR D 55 3.00 16.02 -17.18
CA THR D 55 2.18 16.06 -18.40
C THR D 55 3.00 16.39 -19.62
N GLY D 56 4.03 17.21 -19.42
CA GLY D 56 4.96 17.59 -20.47
C GLY D 56 6.00 16.56 -20.84
N GLU D 57 5.94 15.38 -20.22
CA GLU D 57 6.79 14.22 -20.49
C GLU D 57 8.24 14.51 -20.17
N ALA D 58 8.43 15.31 -19.12
CA ALA D 58 9.77 15.74 -18.71
C ALA D 58 10.74 14.60 -18.53
N PHE D 59 10.26 13.52 -17.93
CA PHE D 59 11.14 12.45 -17.49
C PHE D 59 11.56 11.45 -18.59
N VAL D 60 11.21 11.75 -19.84
CA VAL D 60 11.70 11.03 -21.02
C VAL D 60 12.38 12.00 -21.99
N GLN D 61 12.80 13.15 -21.45
CA GLN D 61 13.55 14.13 -22.23
C GLN D 61 14.88 14.42 -21.55
N SER D 62 15.84 14.87 -22.33
CA SER D 62 17.12 15.35 -21.82
C SER D 62 16.91 16.78 -21.30
N LEU D 63 17.89 17.28 -20.53
CA LEU D 63 17.85 18.67 -20.03
C LEU D 63 17.84 19.65 -21.20
N SER D 64 18.58 19.35 -22.25
CA SER D 64 18.66 20.22 -23.40
C SER D 64 17.31 20.31 -24.14
N GLU D 65 16.67 19.17 -24.34
CA GLU D 65 15.30 19.15 -24.85
C GLU D 65 14.34 19.96 -23.94
N ARG D 66 14.42 19.73 -22.64
CA ARG D 66 13.59 20.47 -21.71
C ARG D 66 13.83 21.98 -21.83
N GLU D 67 15.09 22.38 -22.02
CA GLU D 67 15.46 23.79 -22.17
C GLU D 67 14.98 24.38 -23.47
N GLN D 68 15.07 23.61 -24.54
CA GLN D 68 14.58 24.04 -25.83
C GLN D 68 13.09 24.36 -25.79
N VAL D 69 12.33 23.55 -25.04
CA VAL D 69 10.89 23.77 -24.88
C VAL D 69 10.59 25.02 -24.01
N LEU D 70 11.27 25.18 -22.88
CA LEU D 70 11.09 26.36 -22.04
C LEU D 70 11.37 27.65 -22.79
N GLU D 71 12.41 27.65 -23.61
CA GLU D 71 12.76 28.80 -24.43
C GLU D 71 11.69 29.16 -25.44
N ILE D 72 11.22 28.17 -26.18
CA ILE D 72 10.18 28.39 -27.16
C ILE D 72 8.92 28.92 -26.50
N VAL D 73 8.49 28.32 -25.39
CA VAL D 73 7.28 28.78 -24.73
C VAL D 73 7.42 30.25 -24.22
N ALA D 74 8.58 30.63 -23.69
CA ALA D 74 8.81 32.04 -23.29
C ALA D 74 8.74 33.01 -24.48
N GLU D 75 9.38 32.67 -25.60
CA GLU D 75 9.26 33.46 -26.83
C GLU D 75 7.79 33.67 -27.24
N GLU D 76 6.98 32.62 -27.13
CA GLU D 76 5.59 32.66 -27.56
C GLU D 76 4.64 33.41 -26.61
N ALA D 77 4.90 33.34 -25.30
CA ALA D 77 3.91 33.76 -24.30
C ALA D 77 4.35 34.72 -23.20
N LYS D 78 5.66 34.97 -23.05
CA LYS D 78 6.12 35.84 -21.96
C LYS D 78 5.41 37.19 -22.02
N GLY D 79 4.94 37.66 -20.87
CA GLY D 79 4.17 38.92 -20.78
C GLY D 79 2.70 38.81 -21.13
N LYS D 80 2.28 37.68 -21.71
CA LYS D 80 0.88 37.52 -22.14
C LYS D 80 0.11 36.72 -21.10
N ILE D 81 0.74 35.68 -20.55
CA ILE D 81 0.17 34.87 -19.48
C ILE D 81 1.28 34.53 -18.49
N LYS D 82 0.93 33.92 -17.37
CA LYS D 82 1.94 33.56 -16.40
C LYS D 82 2.63 32.29 -16.87
N LEU D 83 3.91 32.19 -16.57
CA LEU D 83 4.72 31.07 -17.01
C LEU D 83 5.45 30.50 -15.83
N ILE D 84 5.20 29.21 -15.58
CA ILE D 84 5.84 28.44 -14.54
C ILE D 84 6.65 27.35 -15.21
N ALA D 85 7.93 27.25 -14.85
CA ALA D 85 8.81 26.24 -15.43
C ALA D 85 8.98 25.10 -14.45
N HIS D 86 8.54 23.90 -14.84
CA HIS D 86 8.86 22.74 -14.00
C HIS D 86 10.30 22.33 -14.30
N VAL D 87 11.18 22.50 -13.30
CA VAL D 87 12.61 22.26 -13.43
C VAL D 87 13.12 21.02 -12.67
N GLY D 88 12.23 20.28 -12.02
CA GLY D 88 12.62 19.19 -11.16
C GLY D 88 13.22 17.98 -11.87
N CYS D 89 14.31 17.50 -11.33
CA CYS D 89 14.86 16.22 -11.70
C CYS D 89 15.11 15.54 -10.38
N VAL D 90 15.51 14.28 -10.45
CA VAL D 90 15.93 13.57 -9.26
C VAL D 90 17.21 14.24 -8.73
N SER D 91 18.14 14.54 -9.63
CA SER D 91 19.38 15.25 -9.29
C SER D 91 19.15 16.72 -8.95
N THR D 92 19.65 17.16 -7.79
CA THR D 92 19.65 18.60 -7.45
C THR D 92 20.42 19.46 -8.46
N ALA D 93 21.62 19.03 -8.85
CA ALA D 93 22.49 19.79 -9.76
C ALA D 93 21.82 19.95 -11.13
N GLU D 94 21.19 18.88 -11.61
CA GLU D 94 20.45 18.96 -12.87
C GLU D 94 19.25 19.91 -12.77
N SER D 95 18.57 19.89 -11.63
CA SER D 95 17.40 20.76 -11.44
C SER D 95 17.82 22.24 -11.36
N GLN D 96 19.03 22.48 -10.85
CA GLN D 96 19.57 23.85 -10.74
C GLN D 96 19.94 24.42 -12.09
N GLN D 97 20.49 23.57 -12.96
CA GLN D 97 20.79 24.02 -14.31
C GLN D 97 19.48 24.44 -15.00
N LEU D 98 18.42 23.67 -14.82
CA LEU D 98 17.12 24.07 -15.42
C LEU D 98 16.57 25.35 -14.76
N ALA D 99 16.77 25.51 -13.46
CA ALA D 99 16.26 26.67 -12.74
C ALA D 99 16.96 27.94 -13.23
N ALA D 100 18.25 27.84 -13.48
CA ALA D 100 19.03 28.90 -14.11
C ALA D 100 18.55 29.24 -15.54
N SER D 101 18.22 28.20 -16.33
CA SER D 101 17.75 28.42 -17.68
C SER D 101 16.40 29.12 -17.69
N ALA D 102 15.48 28.68 -16.85
CA ALA D 102 14.17 29.33 -16.70
C ALA D 102 14.28 30.83 -16.36
N LYS D 103 15.18 31.18 -15.44
CA LYS D 103 15.44 32.60 -15.06
C LYS D 103 15.94 33.39 -16.27
N ARG D 104 16.90 32.82 -17.01
CA ARG D 104 17.39 33.45 -18.24
C ARG D 104 16.29 33.67 -19.26
N TYR D 105 15.33 32.75 -19.35
CA TYR D 105 14.27 32.89 -20.35
C TYR D 105 13.10 33.78 -19.86
N GLY D 106 13.17 34.30 -18.64
CA GLY D 106 12.14 35.22 -18.18
C GLY D 106 10.84 34.58 -17.70
N PHE D 107 10.93 33.38 -17.13
CA PHE D 107 9.79 32.75 -16.47
C PHE D 107 9.35 33.52 -15.20
N ASP D 108 8.08 33.37 -14.85
CA ASP D 108 7.53 33.97 -13.63
C ASP D 108 7.77 33.16 -12.38
N ALA D 109 7.95 31.84 -12.54
CA ALA D 109 8.15 30.96 -11.39
C ALA D 109 8.79 29.61 -11.79
N VAL D 110 9.42 28.95 -10.82
CA VAL D 110 9.94 27.60 -10.98
C VAL D 110 9.16 26.62 -10.10
N SER D 111 9.31 25.33 -10.41
CA SER D 111 8.59 24.26 -9.76
C SER D 111 9.44 23.01 -9.83
N ALA D 112 9.36 22.17 -8.80
CA ALA D 112 10.08 20.90 -8.82
C ALA D 112 9.29 19.84 -8.08
N VAL D 113 9.15 18.66 -8.70
CA VAL D 113 8.47 17.51 -8.08
C VAL D 113 9.46 17.04 -7.02
N THR D 114 8.91 16.50 -5.92
CA THR D 114 9.71 15.91 -4.87
C THR D 114 10.57 14.84 -5.52
N PRO D 115 11.89 14.89 -5.29
CA PRO D 115 12.75 13.95 -5.99
C PRO D 115 12.44 12.51 -5.67
N PHE D 116 12.49 11.64 -6.68
CA PHE D 116 11.87 10.29 -6.62
C PHE D 116 12.87 9.14 -6.84
N TYR D 117 12.32 7.91 -6.88
CA TYR D 117 13.05 6.65 -7.00
C TYR D 117 13.84 6.30 -5.73
N TYR D 118 14.86 7.08 -5.41
CA TYR D 118 15.63 6.83 -4.20
C TYR D 118 14.91 7.45 -3.02
N PRO D 119 14.80 6.71 -1.90
CA PRO D 119 14.20 7.34 -0.73
C PRO D 119 15.14 8.38 -0.12
N PHE D 120 14.73 9.63 -0.13
CA PHE D 120 15.50 10.71 0.49
C PHE D 120 14.81 11.13 1.77
N SER D 121 15.59 11.60 2.73
CA SER D 121 15.03 12.04 4.00
C SER D 121 14.33 13.37 3.80
N PHE D 122 13.47 13.76 4.73
CA PHE D 122 12.72 15.00 4.56
C PHE D 122 13.65 16.20 4.53
N GLU D 123 14.67 16.18 5.38
CA GLU D 123 15.63 17.26 5.39
C GLU D 123 16.35 17.33 4.04
N GLU D 124 16.69 16.17 3.50
CA GLU D 124 17.32 16.07 2.18
C GLU D 124 16.43 16.71 1.13
N HIS D 125 15.10 16.53 1.25
CA HIS D 125 14.14 17.24 0.37
C HIS D 125 14.17 18.75 0.55
N CYS D 126 14.27 19.20 1.79
CA CYS D 126 14.25 20.63 2.06
C CYS D 126 15.49 21.31 1.44
N ASP D 127 16.67 20.70 1.60
CA ASP D 127 17.90 21.23 1.00
C ASP D 127 17.85 21.26 -0.53
N HIS D 128 17.31 20.19 -1.11
CA HIS D 128 17.01 20.12 -2.54
C HIS D 128 16.27 21.38 -3.01
N TYR D 129 15.15 21.69 -2.35
CA TYR D 129 14.36 22.87 -2.72
C TYR D 129 15.19 24.16 -2.48
N ARG D 130 15.93 24.25 -1.37
CA ARG D 130 16.76 25.45 -1.10
C ARG D 130 17.74 25.73 -2.23
N ALA D 131 18.44 24.70 -2.69
CA ALA D 131 19.41 24.84 -3.76
C ALA D 131 18.77 25.27 -5.08
N ILE D 132 17.57 24.76 -5.36
CA ILE D 132 16.89 25.13 -6.59
C ILE D 132 16.45 26.58 -6.49
N ILE D 133 15.90 26.96 -5.33
CA ILE D 133 15.46 28.34 -5.10
C ILE D 133 16.63 29.32 -5.31
N ASP D 134 17.80 28.95 -4.81
CA ASP D 134 19.01 29.75 -5.00
C ASP D 134 19.36 29.93 -6.49
N SER D 135 19.41 28.83 -7.23
CA SER D 135 19.67 28.87 -8.68
C SER D 135 18.61 29.66 -9.45
N ALA D 136 17.39 29.67 -8.93
CA ALA D 136 16.28 30.42 -9.54
C ALA D 136 16.43 31.94 -9.41
N ASP D 137 17.25 32.36 -8.43
CA ASP D 137 17.64 33.77 -8.25
C ASP D 137 16.51 34.77 -8.31
N GLY D 138 15.48 34.56 -7.49
CA GLY D 138 14.39 35.52 -7.34
C GLY D 138 13.04 35.03 -7.85
N LEU D 139 13.06 34.04 -8.74
CA LEU D 139 11.81 33.38 -9.19
C LEU D 139 11.18 32.56 -8.05
N PRO D 140 9.92 32.82 -7.69
CA PRO D 140 9.28 32.01 -6.65
C PRO D 140 9.18 30.52 -7.03
N MET D 141 9.18 29.67 -6.00
CA MET D 141 9.10 28.20 -6.15
C MET D 141 7.69 27.70 -5.94
N VAL D 142 7.25 26.77 -6.80
CA VAL D 142 6.02 26.02 -6.59
C VAL D 142 6.41 24.62 -6.17
N VAL D 143 6.17 24.27 -4.91
CA VAL D 143 6.44 22.90 -4.46
C VAL D 143 5.42 22.01 -5.16
N TYR D 144 5.91 20.95 -5.82
CA TYR D 144 5.03 20.04 -6.60
C TYR D 144 4.90 18.71 -5.85
N ASN D 145 3.68 18.42 -5.39
CA ASN D 145 3.39 17.25 -4.56
C ASN D 145 2.43 16.27 -5.26
N ILE D 146 2.92 15.05 -5.52
CA ILE D 146 2.15 14.02 -6.23
C ILE D 146 2.51 12.63 -5.69
N PRO D 147 2.10 12.32 -4.43
CA PRO D 147 2.36 11.03 -3.81
C PRO D 147 2.15 9.81 -4.71
N ALA D 148 1.03 9.78 -5.45
CA ALA D 148 0.65 8.63 -6.26
C ALA D 148 1.72 8.22 -7.29
N LEU D 149 2.41 9.19 -7.90
CA LEU D 149 3.50 8.87 -8.85
C LEU D 149 4.90 8.95 -8.22
N SER D 150 5.14 9.94 -7.36
CA SER D 150 6.48 10.15 -6.80
C SER D 150 6.85 9.12 -5.74
N GLY D 151 5.84 8.56 -5.07
CA GLY D 151 6.08 7.63 -3.98
C GLY D 151 6.59 8.33 -2.72
N VAL D 152 6.54 9.66 -2.68
CA VAL D 152 6.97 10.44 -1.50
C VAL D 152 5.76 10.87 -0.64
N LYS D 153 5.64 10.30 0.55
CA LYS D 153 4.48 10.49 1.42
C LYS D 153 4.76 11.46 2.58
N LEU D 154 4.60 12.76 2.31
CA LEU D 154 4.81 13.80 3.32
C LEU D 154 3.67 13.83 4.33
N THR D 155 3.99 14.13 5.59
CA THR D 155 3.00 14.43 6.61
C THR D 155 2.56 15.86 6.44
N LEU D 156 1.51 16.28 7.15
CA LEU D 156 1.05 17.67 7.11
C LEU D 156 2.11 18.63 7.68
N ASP D 157 2.69 18.30 8.83
CA ASP D 157 3.79 19.09 9.41
C ASP D 157 4.94 19.33 8.41
N GLN D 158 5.36 18.27 7.73
CA GLN D 158 6.43 18.38 6.73
C GLN D 158 5.98 19.31 5.58
N ILE D 159 4.74 19.14 5.11
CA ILE D 159 4.18 20.03 4.10
C ILE D 159 4.25 21.49 4.58
N ASN D 160 3.84 21.72 5.82
CA ASN D 160 3.91 23.07 6.41
C ASN D 160 5.33 23.65 6.40
N THR D 161 6.33 22.83 6.71
CA THR D 161 7.73 23.29 6.70
C THR D 161 8.19 23.62 5.26
N LEU D 162 7.86 22.77 4.29
CA LEU D 162 8.20 23.03 2.88
C LEU D 162 7.60 24.34 2.37
N VAL D 163 6.31 24.55 2.60
CA VAL D 163 5.64 25.72 2.05
C VAL D 163 6.06 27.04 2.67
N THR D 164 6.67 27.03 3.84
CA THR D 164 7.18 28.27 4.46
C THR D 164 8.70 28.45 4.25
N LEU D 165 9.36 27.56 3.51
CA LEU D 165 10.76 27.77 3.14
C LEU D 165 10.91 29.12 2.42
N PRO D 166 12.02 29.83 2.65
CA PRO D 166 12.16 31.13 1.99
C PRO D 166 12.20 31.01 0.47
N GLY D 167 11.38 31.78 -0.22
CA GLY D 167 11.28 31.71 -1.66
C GLY D 167 10.21 30.77 -2.22
N VAL D 168 9.50 30.03 -1.37
CA VAL D 168 8.35 29.24 -1.84
C VAL D 168 7.15 30.14 -1.81
N GLY D 169 6.41 30.18 -2.93
CA GLY D 169 5.21 31.00 -3.06
C GLY D 169 3.95 30.24 -3.44
N ALA D 170 4.02 28.92 -3.53
CA ALA D 170 2.83 28.14 -3.96
C ALA D 170 3.04 26.66 -3.77
N LEU D 171 1.91 25.94 -3.77
CA LEU D 171 1.91 24.48 -3.63
C LEU D 171 1.03 23.87 -4.74
N KPI D 172 1.60 22.94 -5.50
CA KPI D 172 0.81 22.15 -6.45
CB KPI D 172 1.59 21.84 -7.74
CG KPI D 172 0.72 21.34 -8.92
CD KPI D 172 1.58 20.83 -10.06
CE KPI D 172 0.78 19.89 -11.01
NZ KPI D 172 1.61 19.37 -12.15
CX1 KPI D 172 1.07 18.85 -13.29
C1 KPI D 172 -0.42 18.74 -13.56
CX2 KPI D 172 2.01 18.28 -14.33
O1 KPI D 172 3.20 18.32 -14.11
O2 KPI D 172 1.56 17.72 -15.35
C KPI D 172 0.39 20.89 -5.72
O KPI D 172 1.19 19.98 -5.50
N GLN D 173 -0.86 20.87 -5.26
CA GLN D 173 -1.39 19.76 -4.46
C GLN D 173 -2.07 18.71 -5.35
N THR D 174 -1.28 17.75 -5.85
CA THR D 174 -1.84 16.63 -6.61
C THR D 174 -2.14 15.50 -5.64
N SER D 175 -3.25 15.69 -4.94
CA SER D 175 -3.72 14.81 -3.89
C SER D 175 -5.24 14.87 -3.86
N GLY D 176 -5.84 13.70 -3.63
CA GLY D 176 -7.28 13.54 -3.59
C GLY D 176 -7.87 13.76 -2.22
N ASP D 177 -7.03 14.11 -1.25
CA ASP D 177 -7.40 14.23 0.15
C ASP D 177 -7.83 15.65 0.44
N LEU D 178 -9.14 15.88 0.44
CA LEU D 178 -9.68 17.22 0.55
C LEU D 178 -9.79 17.73 2.00
N TYR D 179 -9.52 16.83 2.96
CA TYR D 179 -9.31 17.21 4.36
C TYR D 179 -7.95 17.94 4.50
N GLN D 180 -6.90 17.30 4.01
CA GLN D 180 -5.59 17.93 3.93
C GLN D 180 -5.63 19.24 3.12
N MET D 181 -6.40 19.27 2.03
CA MET D 181 -6.57 20.52 1.27
C MET D 181 -7.09 21.65 2.18
N GLU D 182 -8.08 21.36 3.01
CA GLU D 182 -8.64 22.36 3.91
C GLU D 182 -7.65 22.76 5.02
N GLN D 183 -6.94 21.80 5.59
CA GLN D 183 -5.95 22.06 6.64
C GLN D 183 -4.81 22.96 6.19
N ILE D 184 -4.33 22.76 4.98
CA ILE D 184 -3.25 23.58 4.39
C ILE D 184 -3.74 25.04 4.22
N ARG D 185 -4.93 25.19 3.64
CA ARG D 185 -5.53 26.52 3.50
C ARG D 185 -5.71 27.23 4.86
N ARG D 186 -6.16 26.48 5.84
CA ARG D 186 -6.45 27.02 7.17
C ARG D 186 -5.17 27.48 7.87
N GLU D 187 -4.09 26.75 7.64
CA GLU D 187 -2.76 27.11 8.16
C GLU D 187 -2.11 28.24 7.38
N HIS D 188 -2.37 28.29 6.07
CA HIS D 188 -1.71 29.25 5.17
C HIS D 188 -2.73 30.04 4.36
N PRO D 189 -3.39 31.04 5.00
CA PRO D 189 -4.44 31.86 4.40
C PRO D 189 -4.10 32.50 3.05
N ASP D 190 -2.83 32.84 2.84
CA ASP D 190 -2.43 33.56 1.62
C ASP D 190 -1.67 32.68 0.62
N LEU D 191 -1.45 31.41 0.95
CA LEU D 191 -0.71 30.51 0.07
C LEU D 191 -1.42 30.34 -1.25
N VAL D 192 -0.67 30.36 -2.35
CA VAL D 192 -1.25 30.01 -3.65
C VAL D 192 -1.33 28.49 -3.68
N LEU D 193 -2.54 27.96 -3.86
CA LEU D 193 -2.80 26.53 -3.65
C LEU D 193 -3.51 25.89 -4.85
N TYR D 194 -2.74 25.15 -5.64
CA TYR D 194 -3.24 24.60 -6.91
C TYR D 194 -3.78 23.20 -6.76
N ASN D 195 -5.05 23.01 -7.12
CA ASN D 195 -5.62 21.68 -7.30
C ASN D 195 -4.96 20.90 -8.43
N GLY D 196 -4.41 19.72 -8.14
CA GLY D 196 -3.75 18.87 -9.14
C GLY D 196 -4.54 17.78 -9.86
N TYR D 197 -5.69 17.36 -9.30
CA TYR D 197 -6.52 16.33 -9.92
C TYR D 197 -7.73 16.95 -10.58
N ASP D 198 -7.71 16.93 -11.91
CA ASP D 198 -8.70 17.62 -12.72
C ASP D 198 -10.12 17.14 -12.44
N ASN D 199 -10.26 15.90 -12.01
CA ASN D 199 -11.57 15.29 -11.81
C ASN D 199 -12.23 15.59 -10.46
N ILE D 200 -11.58 16.38 -9.61
CA ILE D 200 -12.18 16.87 -8.36
C ILE D 200 -12.06 18.40 -8.21
N PHE D 201 -11.78 19.09 -9.31
CA PHE D 201 -11.49 20.51 -9.32
C PHE D 201 -12.50 21.34 -8.55
N ALA D 202 -13.80 21.21 -8.86
CA ALA D 202 -14.81 21.97 -8.10
C ALA D 202 -14.72 21.70 -6.59
N SER D 203 -14.63 20.43 -6.21
CA SER D 203 -14.54 20.04 -4.80
C SER D 203 -13.24 20.55 -4.18
N GLY D 204 -12.16 20.60 -4.97
CA GLY D 204 -10.88 21.12 -4.50
C GLY D 204 -10.97 22.59 -4.18
N LEU D 205 -11.65 23.34 -5.05
CA LEU D 205 -11.81 24.77 -4.84
C LEU D 205 -12.65 25.01 -3.57
N LEU D 206 -13.71 24.22 -3.38
CA LEU D 206 -14.54 24.33 -2.18
C LEU D 206 -13.78 24.05 -0.87
N ALA D 207 -12.85 23.09 -0.93
CA ALA D 207 -12.08 22.72 0.23
C ALA D 207 -11.01 23.75 0.55
N GLY D 208 -10.62 24.57 -0.43
CA GLY D 208 -9.65 25.64 -0.16
C GLY D 208 -8.65 25.97 -1.26
N ALA D 209 -8.61 25.18 -2.33
CA ALA D 209 -7.74 25.52 -3.48
C ALA D 209 -8.20 26.87 -4.09
N ASP D 210 -7.25 27.67 -4.56
CA ASP D 210 -7.60 28.93 -5.26
C ASP D 210 -7.28 28.90 -6.76
N GLY D 211 -7.04 27.71 -7.28
CA GLY D 211 -6.72 27.53 -8.69
C GLY D 211 -6.38 26.08 -8.98
N GLY D 212 -5.79 25.85 -10.13
CA GLY D 212 -5.48 24.51 -10.59
C GLY D 212 -4.34 24.48 -11.56
N ILE D 213 -3.66 23.35 -11.61
CA ILE D 213 -2.73 23.00 -12.66
C ILE D 213 -3.14 21.62 -13.15
N GLY D 214 -3.43 21.52 -14.44
CA GLY D 214 -4.01 20.30 -15.00
C GLY D 214 -3.75 20.05 -16.46
N SER D 215 -3.58 18.77 -16.78
CA SER D 215 -3.33 18.28 -18.13
C SER D 215 -4.51 18.49 -19.07
N THR D 216 -5.72 18.23 -18.59
CA THR D 216 -6.90 18.35 -19.46
C THR D 216 -7.31 19.76 -19.82
N TYR D 217 -6.73 20.76 -19.14
CA TYR D 217 -7.00 22.17 -19.45
C TYR D 217 -6.58 22.54 -20.90
N ASN D 218 -5.59 21.80 -21.44
CA ASN D 218 -5.14 21.96 -22.84
C ASN D 218 -6.27 21.90 -23.88
N ILE D 219 -7.33 21.14 -23.60
CA ILE D 219 -8.44 20.97 -24.56
C ILE D 219 -9.78 21.56 -24.13
N MET D 220 -9.92 21.94 -22.86
CA MET D 220 -11.17 22.47 -22.35
CA MET D 220 -11.17 22.52 -22.36
C MET D 220 -10.95 23.35 -21.11
N GLY D 221 -9.88 24.13 -21.13
CA GLY D 221 -9.55 25.05 -20.07
C GLY D 221 -10.64 26.05 -19.74
N TRP D 222 -11.45 26.44 -20.72
CA TRP D 222 -12.60 27.33 -20.49
C TRP D 222 -13.63 26.73 -19.53
N ARG D 223 -13.80 25.41 -19.55
CA ARG D 223 -14.70 24.75 -18.58
C ARG D 223 -14.25 24.95 -17.14
N TYR D 224 -12.97 24.76 -16.90
CA TYR D 224 -12.41 24.99 -15.56
C TYR D 224 -12.52 26.46 -15.17
N GLN D 225 -12.33 27.37 -16.12
CA GLN D 225 -12.58 28.80 -15.83
C GLN D 225 -14.06 29.03 -15.48
N GLY D 226 -14.96 28.34 -16.18
CA GLY D 226 -16.39 28.39 -15.87
C GLY D 226 -16.75 27.84 -14.51
N ILE D 227 -15.95 26.92 -14.00
CA ILE D 227 -16.19 26.40 -12.66
C ILE D 227 -15.81 27.46 -11.60
N VAL D 228 -14.70 28.17 -11.81
CA VAL D 228 -14.27 29.24 -10.91
C VAL D 228 -15.34 30.36 -10.84
N LYS D 229 -15.84 30.76 -12.00
CA LYS D 229 -16.91 31.77 -12.16
C LYS D 229 -18.19 31.36 -11.45
N ALA D 230 -18.70 30.18 -11.83
CA ALA D 230 -19.93 29.64 -11.26
C ALA D 230 -19.86 29.63 -9.73
N LEU D 231 -18.74 29.19 -9.19
CA LEU D 231 -18.56 29.11 -7.73
C LEU D 231 -18.37 30.49 -7.10
N LYS D 232 -17.71 31.41 -7.78
CA LYS D 232 -17.66 32.79 -7.27
C LYS D 232 -19.08 33.41 -7.18
N GLU D 233 -19.96 33.04 -8.10
CA GLU D 233 -21.34 33.54 -8.14
C GLU D 233 -22.32 32.73 -7.27
N GLY D 234 -21.82 31.71 -6.57
CA GLY D 234 -22.68 30.79 -5.85
C GLY D 234 -23.61 29.96 -6.74
N ASP D 235 -23.25 29.80 -8.01
CA ASP D 235 -24.06 28.97 -8.92
C ASP D 235 -23.51 27.54 -8.89
N ILE D 236 -23.92 26.80 -7.86
CA ILE D 236 -23.43 25.45 -7.64
C ILE D 236 -23.84 24.50 -8.76
N GLN D 237 -25.04 24.69 -9.27
CA GLN D 237 -25.56 23.83 -10.34
C GLN D 237 -24.69 23.88 -11.62
N THR D 238 -24.32 25.07 -12.06
CA THR D 238 -23.45 25.19 -13.25
C THR D 238 -22.07 24.56 -12.95
N ALA D 239 -21.54 24.83 -11.75
CA ALA D 239 -20.27 24.25 -11.33
C ALA D 239 -20.28 22.73 -11.40
N GLN D 240 -21.36 22.12 -10.92
CA GLN D 240 -21.53 20.67 -10.98
C GLN D 240 -21.66 20.17 -12.40
N LYS D 241 -22.44 20.86 -13.21
CA LYS D 241 -22.63 20.44 -14.60
C LYS D 241 -21.29 20.44 -15.31
N LEU D 242 -20.51 21.50 -15.12
CA LEU D 242 -19.22 21.63 -15.80
C LEU D 242 -18.26 20.53 -15.33
N GLN D 243 -18.21 20.28 -14.03
CA GLN D 243 -17.34 19.23 -13.50
C GLN D 243 -17.77 17.85 -14.01
N THR D 244 -19.08 17.61 -14.09
CA THR D 244 -19.57 16.34 -14.64
C THR D 244 -19.13 16.17 -16.08
N GLU D 245 -19.24 17.23 -16.90
CA GLU D 245 -18.79 17.18 -18.30
C GLU D 245 -17.27 16.94 -18.39
N CYS D 246 -16.49 17.66 -17.59
CA CYS D 246 -15.05 17.36 -17.48
C CYS D 246 -14.79 15.88 -17.16
N ASN D 247 -15.59 15.32 -16.26
CA ASN D 247 -15.35 13.94 -15.82
C ASN D 247 -15.76 12.89 -16.88
N LYS D 248 -16.80 13.14 -17.67
CA LYS D 248 -17.09 12.27 -18.84
C LYS D 248 -15.87 12.19 -19.77
N VAL D 249 -15.24 13.34 -20.00
CA VAL D 249 -14.02 13.40 -20.82
C VAL D 249 -12.86 12.66 -20.13
N ILE D 250 -12.70 12.91 -18.84
CA ILE D 250 -11.62 12.29 -18.09
C ILE D 250 -11.76 10.76 -18.07
N ASP D 251 -13.00 10.26 -17.98
CA ASP D 251 -13.28 8.82 -18.08
C ASP D 251 -12.74 8.24 -19.41
N LEU D 252 -13.04 8.90 -20.52
CA LEU D 252 -12.52 8.47 -21.84
C LEU D 252 -10.97 8.55 -21.91
N LEU D 253 -10.40 9.65 -21.43
CA LEU D 253 -8.93 9.84 -21.46
C LEU D 253 -8.23 8.77 -20.65
N ILE D 254 -8.83 8.37 -19.53
CA ILE D 254 -8.29 7.26 -18.75
C ILE D 254 -8.33 5.95 -19.55
N LYS D 255 -9.41 5.72 -20.30
CA LYS D 255 -9.44 4.52 -21.17
C LYS D 255 -8.39 4.57 -22.29
N THR D 256 -8.23 5.71 -22.94
CA THR D 256 -7.30 5.83 -24.07
C THR D 256 -5.85 5.99 -23.68
N GLY D 257 -5.61 6.31 -22.41
CA GLY D 257 -4.32 6.85 -22.00
C GLY D 257 -4.43 8.36 -22.10
N VAL D 258 -4.07 9.05 -21.02
CA VAL D 258 -4.43 10.45 -20.87
C VAL D 258 -3.63 11.42 -21.77
N PHE D 259 -2.30 11.40 -21.70
CA PHE D 259 -1.50 12.36 -22.44
C PHE D 259 -1.72 12.15 -23.92
N ARG D 260 -1.73 10.89 -24.35
CA ARG D 260 -1.88 10.60 -25.78
C ARG D 260 -3.29 10.87 -26.27
N GLY D 261 -4.27 10.71 -25.40
CA GLY D 261 -5.63 11.03 -25.77
C GLY D 261 -5.81 12.51 -25.94
N LEU D 262 -5.23 13.29 -25.02
CA LEU D 262 -5.22 14.73 -25.13
C LEU D 262 -4.57 15.20 -26.43
N LYS D 263 -3.43 14.57 -26.78
CA LYS D 263 -2.68 14.93 -27.96
C LYS D 263 -3.48 14.60 -29.24
N THR D 264 -4.25 13.53 -29.20
CA THR D 264 -5.10 13.12 -30.33
C THR D 264 -6.27 14.08 -30.55
N VAL D 265 -6.92 14.48 -29.46
CA VAL D 265 -7.96 15.51 -29.55
C VAL D 265 -7.35 16.75 -30.16
N LEU D 266 -6.19 17.16 -29.67
CA LEU D 266 -5.50 18.34 -30.20
C LEU D 266 -5.14 18.20 -31.70
N HIS D 267 -4.85 16.98 -32.12
CA HIS D 267 -4.56 16.70 -33.52
C HIS D 267 -5.84 16.93 -34.35
N TYR D 268 -6.99 16.48 -33.86
CA TYR D 268 -8.26 16.74 -34.57
C TYR D 268 -8.70 18.22 -34.50
N MET D 269 -8.25 18.96 -33.50
CA MET D 269 -8.48 20.39 -33.46
C MET D 269 -7.47 21.16 -34.30
N ASP D 270 -6.69 20.44 -35.12
CA ASP D 270 -5.66 21.01 -36.01
C ASP D 270 -4.55 21.78 -35.29
N VAL D 271 -4.19 21.38 -34.06
CA VAL D 271 -3.08 22.05 -33.31
C VAL D 271 -1.79 21.19 -33.33
N VAL D 272 -1.91 19.89 -33.07
CA VAL D 272 -0.76 18.97 -32.96
C VAL D 272 -0.66 18.09 -34.21
N SER D 273 0.48 18.13 -34.90
CA SER D 273 0.62 17.40 -36.17
C SER D 273 0.61 15.88 -35.98
N VAL D 274 1.33 15.42 -34.95
CA VAL D 274 1.50 14.00 -34.69
C VAL D 274 1.22 13.71 -33.20
N PRO D 275 0.16 12.94 -32.92
CA PRO D 275 -0.23 12.83 -31.50
C PRO D 275 0.54 11.80 -30.65
N LEU D 276 1.85 11.62 -30.87
CA LEU D 276 2.60 10.62 -30.11
C LEU D 276 3.24 11.14 -28.82
N CYS D 277 3.28 10.24 -27.83
CA CYS D 277 4.08 10.36 -26.61
C CYS D 277 5.36 9.58 -26.85
N ARG D 278 6.40 9.82 -26.06
CA ARG D 278 7.64 9.07 -26.26
C ARG D 278 7.55 7.65 -25.71
N LYS D 279 8.26 6.73 -26.37
CA LYS D 279 8.43 5.38 -25.87
C LYS D 279 9.05 5.42 -24.48
N PRO D 280 8.61 4.53 -23.58
CA PRO D 280 7.74 3.35 -23.80
C PRO D 280 6.21 3.53 -23.89
N PHE D 281 5.68 4.75 -23.82
CA PHE D 281 4.27 4.98 -24.17
C PHE D 281 4.06 4.49 -25.60
N GLY D 282 2.97 3.77 -25.84
CA GLY D 282 2.59 3.35 -27.17
C GLY D 282 1.53 4.29 -27.74
N PRO D 283 1.07 3.98 -28.95
CA PRO D 283 0.06 4.80 -29.61
C PRO D 283 -1.32 4.54 -29.05
N VAL D 284 -2.24 5.44 -29.31
CA VAL D 284 -3.62 5.24 -28.94
C VAL D 284 -4.14 4.03 -29.72
N ASP D 285 -5.02 3.25 -29.09
CA ASP D 285 -5.69 2.18 -29.82
C ASP D 285 -6.63 2.80 -30.84
N GLU D 286 -6.59 2.28 -32.07
CA GLU D 286 -7.39 2.85 -33.15
C GLU D 286 -8.91 2.71 -32.98
N LYS D 287 -9.37 1.83 -32.09
CA LYS D 287 -10.81 1.70 -31.86
C LYS D 287 -11.39 2.93 -31.13
N TYR D 288 -10.50 3.76 -30.56
CA TYR D 288 -10.91 4.93 -29.78
C TYR D 288 -11.01 6.18 -30.61
N LEU D 289 -10.46 6.14 -31.82
CA LEU D 289 -10.34 7.34 -32.65
C LEU D 289 -11.67 8.02 -32.99
N PRO D 290 -12.71 7.24 -33.37
CA PRO D 290 -14.05 7.86 -33.54
C PRO D 290 -14.56 8.65 -32.33
N GLU D 291 -14.42 8.11 -31.12
CA GLU D 291 -14.75 8.85 -29.89
C GLU D 291 -13.87 10.10 -29.68
N LEU D 292 -12.56 9.95 -29.85
CA LEU D 292 -11.66 11.11 -29.73
C LEU D 292 -11.99 12.19 -30.79
N LYS D 293 -12.34 11.76 -32.00
CA LYS D 293 -12.71 12.68 -33.06
C LYS D 293 -14.03 13.41 -32.76
N ALA D 294 -15.03 12.69 -32.24
CA ALA D 294 -16.30 13.31 -31.91
C ALA D 294 -16.13 14.33 -30.78
N LEU D 295 -15.29 13.98 -29.79
CA LEU D 295 -14.98 14.91 -28.69
C LEU D 295 -14.37 16.22 -29.18
N ALA D 296 -13.39 16.12 -30.06
CA ALA D 296 -12.74 17.29 -30.66
C ALA D 296 -13.77 18.23 -31.27
N GLN D 297 -14.63 17.66 -32.11
CA GLN D 297 -15.74 18.39 -32.74
C GLN D 297 -16.69 19.01 -31.71
N GLN D 298 -17.20 18.20 -30.80
CA GLN D 298 -18.02 18.71 -29.72
C GLN D 298 -17.35 19.94 -29.06
N LEU D 299 -16.12 19.79 -28.57
CA LEU D 299 -15.43 20.90 -27.90
C LEU D 299 -15.16 22.11 -28.82
N MET D 300 -14.90 21.87 -30.10
CA MET D 300 -14.70 22.97 -31.05
C MET D 300 -16.01 23.76 -31.23
N GLN D 301 -17.13 23.05 -31.20
CA GLN D 301 -18.45 23.68 -31.35
C GLN D 301 -18.83 24.51 -30.13
N GLU D 302 -18.35 24.09 -28.97
CA GLU D 302 -18.72 24.71 -27.70
C GLU D 302 -18.09 26.10 -27.55
N ARG D 303 -16.77 26.17 -27.70
CA ARG D 303 -16.01 27.42 -27.54
C ARG D 303 -16.29 28.18 -26.23
CAA ZZI E . 15.57 -4.17 3.59
CAB ZZI E . 16.99 -4.22 2.99
CAC ZZI E . 17.30 -3.12 1.94
NAH ZZI E . 18.48 -3.37 1.05
CAG ZZI E . 19.47 -4.43 1.39
CAF ZZI E . 20.90 -3.90 1.56
CAE ZZI E . 21.01 -2.96 2.76
CAI ZZI E . 18.57 -2.64 -0.09
OAD ZZI E . 17.75 -1.78 -0.39
CAJ ZZI E . 19.78 -2.85 -1.02
OAN ZZI E . 20.27 -1.58 -1.54
CAK ZZI E . 19.43 -3.85 -2.13
OAO ZZI E . 19.34 -5.12 -1.52
CAL ZZI E . 20.53 -3.89 -3.20
OAM ZZI E . 21.76 -4.36 -2.63
CAA ZZI F . -9.66 9.42 10.05
CAB ZZI F . -10.88 10.35 10.08
CAC ZZI F . -11.85 10.04 11.24
NAH ZZI F . -13.12 9.49 10.69
CAG ZZI F . -13.36 8.04 10.88
CAF ZZI F . -13.86 7.79 12.32
CAE ZZI F . -13.01 6.78 13.11
CAI ZZI F . -13.99 10.31 10.09
OAD ZZI F . -13.76 11.53 9.97
CAJ ZZI F . -15.31 9.71 9.50
OAN ZZI F . -16.26 10.78 9.44
CAK ZZI F . -15.90 8.45 10.19
OAO ZZI F . -15.82 7.35 9.26
CAL ZZI F . -17.36 8.50 10.67
OAM ZZI F . -17.88 9.81 10.77
CAA ZZI G . -0.98 -14.86 0.85
CAB ZZI G . -0.61 -16.24 1.44
CAC ZZI G . -1.76 -16.81 2.30
NAH ZZI G . -1.40 -18.03 3.08
CAG ZZI G . -0.29 -18.90 2.62
CAF ZZI G . -0.84 -20.18 1.97
CAE ZZI G . -0.28 -21.44 2.67
CAI ZZI G . -2.14 -18.34 4.16
OAD ZZI G . -3.08 -17.65 4.55
CAJ ZZI G . -1.77 -19.60 4.94
OAN ZZI G . -2.96 -20.18 5.52
CAK ZZI G . -0.76 -19.26 6.05
OAO ZZI G . 0.55 -19.52 5.52
CAL ZZI G . -0.99 -20.10 7.32
OAM ZZI G . -0.97 -21.50 6.99
CAA ZZI H . -5.40 8.83 -12.68
CAB ZZI H . -5.93 9.94 -13.61
CAC ZZI H . -6.19 11.26 -12.83
NAH ZZI H . -5.64 12.43 -13.54
CAG ZZI H . -6.60 13.41 -14.07
CAF ZZI H . -6.93 13.05 -15.50
CAE ZZI H . -7.54 14.27 -16.19
CAI ZZI H . -4.31 12.56 -13.71
OAD ZZI H . -3.50 11.75 -13.28
CAJ ZZI H . -3.82 13.83 -14.47
OAN ZZI H . -2.76 13.51 -15.40
CAK ZZI H . -3.35 14.85 -13.45
OAO ZZI H . -4.48 15.22 -12.65
CAL ZZI H . -2.79 16.10 -14.15
OAM ZZI H . -3.87 16.85 -14.69
#